data_9QIC
#
_entry.id   9QIC
#
loop_
_entity.id
_entity.type
_entity.pdbx_description
1 polymer 'Ubiquitin-like modifier-activating enzyme 6'
2 non-polymer 'INOSITOL HEXAKISPHOSPHATE'
3 non-polymer "ADENOSINE-5'-TRIPHOSPHATE"
#
_entity_poly.entity_id   1
_entity_poly.type   'polypeptide(L)'
_entity_poly.pdbx_seq_one_letter_code
;GPMEGSEPVAAHQGEEASCSSWGTGSTNKNLPIMSTASVEIDDALYSRQRYVLGDTAMQKMAKSHVFLSGMGGLGLEIAK
NLVLAGIKAVTIHDTEKCQAWDLGTNFFLSEDDVVNKRNRAEAVLKHIAELNPYVHVTSSSVPFNETTDLSFLDKYQCVV
LTEMKLPLQKKINDFCRSQCPPIKFISADVHGIWSRLFCDFGDEFEVLDTTGEEPKEIFISNITQANPGIVTCLENHPHK
LETGQFLTFREINGMTGLNGSIQQITVISPFSFSIGDTTELEPYLHGGIAVQVKTPKTVFFESLERQLKHPKCLIVDFSN
PEAPLEIHTAMLALDQFQEKYSRKPNVGCQQDSEELLKLATSISETLEEKPDVNADIVHWLSWTAQGFLSPLAAAVGGVA
SQEVLKAVTGKFSPLCQWLYLEAADIVESLGKPECEEFLPRGDRYDALRACIGDTLCQKLQNLNIFLVGCGAIGCEMLKN
FALLGVGTSKEKGMITVTDPDLIEKSNLNRQFLFRPHHIQKPKSYTAADATLKINSQIKIDAHLNKVCPTTETIYNDEFY
TKQDVIITALDNVEARRYVDSRCLANLRPLLDSGTMGTKGHTEVIVPHLTESYNSHRDPPEEEIPFSTLKSFPAAIEHTI
QWARDKFESSFSHKPSLFNKFWQTYSSAEEVLQKIQSGHSLEGCFQVIKLLSRRPRNWSQCVELARLKFEKYFNHKALQL
LHCFPLDIRLKDGSLFWQSPKRPPSPIKFDLNEPLHLSFLQNAAKLYATVYCIPFAEEDLSADALLNILSEVKIQEFKPS
NKVVQTDETARKPDHVPISSEDERNAIFQLEKAILSNEATKSDLQMAVLSFEKDDDHNGHIDFITAASNLRAKMYSIEPA
DRFKTKRIAGKIIPAIATTTATVSGLVALEMIKVTGGYPFEAYKNCFLNLAIPIVVFTETTEVRKTKIRNGISFTIWDRW
TVHGKEDFTLLDFINAVKEKYGIEPTMVVQGVKMLYVPVMPGHAKRLKLTMHKLVKPTTEKKYVDLTVSFAPDIDGDEDL
PGPPVRYYFSHDTD
;
_entity_poly.pdbx_strand_id   B
#
loop_
_chem_comp.id
_chem_comp.type
_chem_comp.name
_chem_comp.formula
ATP non-polymer ADENOSINE-5'-TRIPHOSPHATE 'C10 H16 N5 O13 P3'
IHP non-polymer 'INOSITOL HEXAKISPHOSPHATE' 'C6 H18 O24 P6'
#
# COMPACT_ATOMS: atom_id res chain seq x y z
N GLU A 40 18.01 18.31 -10.14
CA GLU A 40 17.46 16.96 -10.21
C GLU A 40 16.45 16.71 -9.10
N ILE A 41 16.19 15.43 -8.83
CA ILE A 41 15.23 15.01 -7.82
C ILE A 41 15.97 14.18 -6.79
N ASP A 42 15.80 14.53 -5.51
CA ASP A 42 16.45 13.78 -4.44
C ASP A 42 15.76 12.44 -4.28
N ASP A 43 16.31 11.41 -4.93
CA ASP A 43 15.65 10.10 -4.92
C ASP A 43 15.59 9.51 -3.53
N ALA A 44 16.65 9.70 -2.74
CA ALA A 44 16.68 9.12 -1.40
C ALA A 44 15.55 9.64 -0.52
N LEU A 45 14.97 10.79 -0.85
CA LEU A 45 13.86 11.35 -0.09
C LEU A 45 12.50 11.13 -0.76
N TYR A 46 12.44 11.24 -2.09
CA TYR A 46 11.18 11.15 -2.81
C TYR A 46 11.03 9.83 -3.56
N SER A 47 11.69 8.77 -3.11
CA SER A 47 11.66 7.50 -3.83
C SER A 47 10.24 6.96 -3.94
N ARG A 48 9.49 6.99 -2.84
CA ARG A 48 8.15 6.40 -2.84
C ARG A 48 7.14 7.29 -3.57
N GLN A 49 7.31 8.60 -3.50
CA GLN A 49 6.42 9.51 -4.19
C GLN A 49 6.70 9.56 -5.69
N ARG A 50 7.93 9.27 -6.10
CA ARG A 50 8.29 9.31 -7.51
C ARG A 50 7.44 8.34 -8.32
N TYR A 51 7.15 7.17 -7.75
CA TYR A 51 6.32 6.21 -8.45
C TYR A 51 4.87 6.68 -8.55
N VAL A 52 4.39 7.40 -7.54
CA VAL A 52 3.01 7.89 -7.57
C VAL A 52 2.86 8.99 -8.61
N LEU A 53 3.79 9.93 -8.64
CA LEU A 53 3.64 11.12 -9.47
C LEU A 53 4.39 11.05 -10.79
N GLY A 54 5.62 10.56 -10.78
CA GLY A 54 6.43 10.56 -11.97
C GLY A 54 7.37 11.75 -12.01
N ASP A 55 8.51 11.57 -12.67
CA ASP A 55 9.54 12.61 -12.66
C ASP A 55 9.08 13.87 -13.38
N THR A 56 8.24 13.74 -14.41
CA THR A 56 7.70 14.91 -15.08
C THR A 56 6.85 15.73 -14.12
N ALA A 57 5.95 15.07 -13.40
CA ALA A 57 5.13 15.76 -12.42
C ALA A 57 5.99 16.35 -11.31
N MET A 58 7.05 15.64 -10.91
CA MET A 58 7.94 16.16 -9.89
C MET A 58 8.61 17.44 -10.35
N GLN A 59 9.08 17.47 -11.60
CA GLN A 59 9.71 18.69 -12.11
C GLN A 59 8.69 19.81 -12.24
N LYS A 60 7.43 19.46 -12.54
CA LYS A 60 6.38 20.49 -12.55
C LYS A 60 6.04 20.97 -11.15
N MET A 61 6.24 20.12 -10.13
CA MET A 61 5.98 20.55 -8.76
C MET A 61 6.95 21.64 -8.32
N ALA A 62 8.19 21.58 -8.79
CA ALA A 62 9.06 22.74 -8.61
C ALA A 62 8.55 23.90 -9.45
N LYS A 63 9.18 25.06 -9.27
CA LYS A 63 8.88 26.26 -10.03
C LYS A 63 7.45 26.76 -9.82
N SER A 64 6.71 26.18 -8.87
CA SER A 64 5.32 26.53 -8.65
C SER A 64 5.17 27.14 -7.26
N HIS A 65 4.54 28.31 -7.20
CA HIS A 65 4.35 29.06 -5.96
C HIS A 65 2.90 28.98 -5.56
N VAL A 66 2.63 28.51 -4.35
CA VAL A 66 1.28 28.23 -3.87
C VAL A 66 0.95 29.19 -2.74
N PHE A 67 -0.20 29.84 -2.83
CA PHE A 67 -0.67 30.75 -1.80
C PHE A 67 -1.77 30.06 -1.01
N LEU A 68 -1.60 29.99 0.30
CA LEU A 68 -2.56 29.33 1.19
C LEU A 68 -2.94 30.30 2.30
N SER A 69 -4.23 30.46 2.54
CA SER A 69 -4.73 31.45 3.47
C SER A 69 -5.66 30.81 4.50
N GLY A 70 -5.54 31.27 5.74
CA GLY A 70 -6.44 30.89 6.80
C GLY A 70 -5.73 30.27 7.98
N MET A 71 -4.77 29.38 7.69
CA MET A 71 -3.95 28.72 8.70
C MET A 71 -4.73 28.26 9.93
N GLY A 72 -5.92 27.71 9.73
CA GLY A 72 -6.67 27.11 10.79
C GLY A 72 -6.28 25.66 10.98
N GLY A 73 -7.19 24.88 11.55
CA GLY A 73 -6.95 23.46 11.65
C GLY A 73 -6.84 22.79 10.30
N LEU A 74 -7.60 23.27 9.32
CA LEU A 74 -7.57 22.69 7.99
C LEU A 74 -6.42 23.24 7.15
N GLY A 75 -6.17 24.54 7.25
CA GLY A 75 -5.06 25.12 6.52
C GLY A 75 -3.73 24.54 6.94
N LEU A 76 -3.58 24.23 8.23
CA LEU A 76 -2.34 23.62 8.70
C LEU A 76 -2.14 22.24 8.08
N GLU A 77 -3.20 21.44 8.02
CA GLU A 77 -3.11 20.13 7.39
C GLU A 77 -2.74 20.25 5.92
N ILE A 78 -3.37 21.19 5.21
CA ILE A 78 -3.06 21.37 3.80
C ILE A 78 -1.60 21.77 3.62
N ALA A 79 -1.14 22.71 4.44
CA ALA A 79 0.25 23.16 4.32
C ALA A 79 1.22 22.03 4.64
N LYS A 80 0.92 21.23 5.66
CA LYS A 80 1.80 20.12 6.00
C LYS A 80 1.89 19.13 4.84
N ASN A 81 0.74 18.77 4.27
CA ASN A 81 0.76 17.82 3.15
C ASN A 81 1.50 18.38 1.96
N LEU A 82 1.31 19.67 1.66
CA LEU A 82 2.01 20.28 0.53
C LEU A 82 3.51 20.31 0.75
N VAL A 83 3.95 20.70 1.95
CA VAL A 83 5.39 20.76 2.21
C VAL A 83 5.99 19.37 2.14
N LEU A 84 5.31 18.36 2.70
CA LEU A 84 5.79 16.99 2.56
C LEU A 84 5.84 16.57 1.09
N ALA A 85 4.90 17.05 0.28
CA ALA A 85 4.90 16.70 -1.13
C ALA A 85 6.14 17.21 -1.84
N GLY A 86 6.55 18.44 -1.53
CA GLY A 86 7.78 18.96 -2.09
C GLY A 86 7.59 20.11 -3.06
N ILE A 87 6.53 20.89 -2.87
CA ILE A 87 6.31 22.07 -3.68
C ILE A 87 7.45 23.06 -3.42
N LYS A 88 7.86 23.78 -4.47
CA LYS A 88 9.02 24.65 -4.35
C LYS A 88 8.83 25.69 -3.27
N ALA A 89 7.72 26.42 -3.30
CA ALA A 89 7.54 27.51 -2.36
C ALA A 89 6.07 27.63 -2.00
N VAL A 90 5.80 27.75 -0.70
CA VAL A 90 4.44 27.89 -0.18
C VAL A 90 4.37 29.16 0.64
N THR A 91 3.37 29.98 0.39
CA THR A 91 3.15 31.21 1.14
C THR A 91 1.91 31.04 2.01
N ILE A 92 2.12 30.83 3.30
CA ILE A 92 1.03 30.76 4.24
C ILE A 92 0.69 32.18 4.68
N HIS A 93 -0.59 32.46 4.81
CA HIS A 93 -1.05 33.79 5.17
C HIS A 93 -2.18 33.70 6.17
N ASP A 94 -2.14 34.55 7.18
CA ASP A 94 -3.21 34.61 8.17
C ASP A 94 -3.10 35.92 8.93
N THR A 95 -4.22 36.38 9.48
CA THR A 95 -4.25 37.57 10.30
C THR A 95 -4.78 37.33 11.71
N GLU A 96 -5.43 36.20 11.96
CA GLU A 96 -5.96 35.93 13.29
C GLU A 96 -4.84 35.73 14.29
N LYS A 97 -5.04 36.21 15.51
CA LYS A 97 -4.10 36.00 16.59
C LYS A 97 -4.41 34.68 17.28
N CYS A 98 -3.35 34.04 17.79
CA CYS A 98 -3.53 32.75 18.45
C CYS A 98 -4.41 32.89 19.68
N GLN A 99 -5.21 31.87 19.95
CA GLN A 99 -6.08 31.82 21.10
C GLN A 99 -6.00 30.44 21.75
N ALA A 100 -6.48 30.35 22.98
CA ALA A 100 -6.50 29.07 23.67
C ALA A 100 -7.36 28.05 22.93
N TRP A 101 -8.40 28.52 22.24
CA TRP A 101 -9.25 27.61 21.48
C TRP A 101 -8.50 26.95 20.33
N ASP A 102 -7.47 27.60 19.82
CA ASP A 102 -6.74 27.07 18.67
C ASP A 102 -5.90 25.86 19.01
N LEU A 103 -5.57 25.66 20.30
CA LEU A 103 -4.71 24.54 20.67
C LEU A 103 -5.35 23.21 20.35
N GLY A 104 -6.67 23.13 20.42
CA GLY A 104 -7.36 21.87 20.16
C GLY A 104 -7.45 21.47 18.72
N THR A 105 -7.06 22.35 17.81
CA THR A 105 -7.07 22.05 16.39
C THR A 105 -5.72 22.12 15.73
N ASN A 106 -4.79 22.91 16.27
CA ASN A 106 -3.48 23.12 15.70
C ASN A 106 -2.45 22.33 16.48
N PHE A 107 -1.73 21.43 15.82
CA PHE A 107 -0.79 20.56 16.49
C PHE A 107 0.62 21.11 16.53
N PHE A 108 0.84 22.33 16.05
CA PHE A 108 2.14 22.98 16.17
C PHE A 108 2.15 24.10 17.20
N LEU A 109 1.00 24.62 17.58
CA LEU A 109 0.95 25.70 18.55
C LEU A 109 1.29 25.19 19.95
N SER A 110 1.74 26.13 20.78
CA SER A 110 2.01 25.85 22.19
C SER A 110 1.40 26.97 23.01
N GLU A 111 1.29 26.72 24.33
CA GLU A 111 0.72 27.72 25.22
C GLU A 111 1.53 29.01 25.21
N ASP A 112 2.84 28.91 24.95
CA ASP A 112 3.65 30.11 24.86
C ASP A 112 3.21 31.00 23.70
N ASP A 113 2.83 30.38 22.57
CA ASP A 113 2.33 31.15 21.44
C ASP A 113 1.06 31.92 21.81
N VAL A 114 0.15 31.27 22.55
CA VAL A 114 -1.07 31.93 22.97
C VAL A 114 -0.74 33.08 23.93
N VAL A 115 0.21 32.86 24.84
CA VAL A 115 0.58 33.89 25.79
C VAL A 115 1.12 35.13 25.08
N ASN A 116 1.99 34.93 24.10
CA ASN A 116 2.60 36.06 23.40
C ASN A 116 1.68 36.68 22.35
N LYS A 117 0.51 36.09 22.12
CA LYS A 117 -0.45 36.61 21.15
C LYS A 117 0.16 36.73 19.75
N ARG A 118 0.98 35.74 19.39
CA ARG A 118 1.63 35.76 18.09
C ARG A 118 0.62 35.49 16.98
N ASN A 119 0.97 35.92 15.78
CA ASN A 119 0.20 35.54 14.60
C ASN A 119 0.31 34.05 14.37
N ARG A 120 -0.80 33.42 13.97
CA ARG A 120 -0.80 31.97 13.82
C ARG A 120 0.20 31.51 12.76
N ALA A 121 0.21 32.17 11.61
CA ALA A 121 1.16 31.79 10.56
C ALA A 121 2.59 32.00 11.03
N GLU A 122 2.85 33.12 11.71
CA GLU A 122 4.19 33.35 12.25
C GLU A 122 4.58 32.29 13.26
N ALA A 123 3.64 31.88 14.10
CA ALA A 123 3.93 30.88 15.11
C ALA A 123 4.27 29.53 14.49
N VAL A 124 3.53 29.13 13.45
CA VAL A 124 3.73 27.81 12.86
C VAL A 124 4.77 27.81 11.75
N LEU A 125 5.24 28.98 11.32
CA LEU A 125 6.20 29.04 10.21
C LEU A 125 7.47 28.26 10.52
N LYS A 126 8.00 28.43 11.73
CA LYS A 126 9.25 27.78 12.08
C LYS A 126 9.11 26.26 12.04
N HIS A 127 8.01 25.74 12.57
CA HIS A 127 7.83 24.30 12.60
C HIS A 127 7.56 23.75 11.20
N ILE A 128 6.78 24.47 10.39
CA ILE A 128 6.43 23.96 9.07
C ILE A 128 7.67 23.83 8.20
N ALA A 129 8.56 24.83 8.23
CA ALA A 129 9.73 24.81 7.37
C ALA A 129 10.62 23.61 7.66
N GLU A 130 10.67 23.16 8.92
CA GLU A 130 11.52 22.03 9.27
C GLU A 130 11.02 20.71 8.70
N LEU A 131 9.79 20.65 8.21
CA LEU A 131 9.28 19.41 7.62
C LEU A 131 10.08 19.03 6.38
N ASN A 132 10.43 20.01 5.56
CA ASN A 132 11.18 19.75 4.34
C ASN A 132 12.03 20.96 4.00
N PRO A 133 13.34 20.91 4.23
CA PRO A 133 14.18 22.10 3.99
C PRO A 133 14.22 22.53 2.53
N TYR A 134 13.91 21.64 1.59
CA TYR A 134 13.89 22.04 0.19
C TYR A 134 12.80 23.05 -0.11
N VAL A 135 11.75 23.11 0.71
CA VAL A 135 10.62 23.98 0.47
C VAL A 135 10.90 25.33 1.09
N HIS A 136 10.70 26.39 0.32
CA HIS A 136 10.91 27.76 0.80
C HIS A 136 9.57 28.30 1.28
N VAL A 137 9.32 28.21 2.57
CA VAL A 137 8.05 28.64 3.16
C VAL A 137 8.19 30.06 3.70
N THR A 138 7.25 30.92 3.31
CA THR A 138 7.23 32.29 3.77
C THR A 138 5.85 32.63 4.31
N SER A 139 5.82 33.52 5.30
CA SER A 139 4.58 33.94 5.94
C SER A 139 4.12 35.28 5.40
N SER A 140 2.83 35.55 5.57
CA SER A 140 2.24 36.80 5.12
C SER A 140 1.12 37.18 6.06
N SER A 141 0.85 38.49 6.15
CA SER A 141 -0.21 38.99 7.01
C SER A 141 -0.95 40.17 6.37
N VAL A 142 -0.99 40.22 5.04
CA VAL A 142 -1.66 41.34 4.36
C VAL A 142 -3.17 41.18 4.52
N PRO A 143 -3.87 42.17 5.05
CA PRO A 143 -5.31 42.00 5.32
C PRO A 143 -6.11 41.84 4.04
N PHE A 144 -7.19 41.07 4.15
CA PHE A 144 -8.11 40.81 3.06
C PHE A 144 -9.46 41.44 3.37
N ASN A 145 -10.00 42.18 2.41
CA ASN A 145 -11.31 42.80 2.57
C ASN A 145 -11.82 43.17 1.18
N GLU A 146 -12.88 43.97 1.15
CA GLU A 146 -13.49 44.35 -0.13
C GLU A 146 -12.53 45.19 -0.97
N THR A 147 -11.83 46.12 -0.34
CA THR A 147 -10.97 47.05 -1.07
C THR A 147 -9.55 46.52 -1.28
N THR A 148 -9.24 45.33 -0.77
CA THR A 148 -7.89 44.78 -0.94
C THR A 148 -7.59 44.53 -2.41
N ASP A 149 -6.41 44.96 -2.84
CA ASP A 149 -6.00 44.74 -4.22
C ASP A 149 -5.47 43.32 -4.38
N LEU A 150 -5.97 42.61 -5.39
CA LEU A 150 -5.62 41.23 -5.63
C LEU A 150 -4.52 41.08 -6.68
N SER A 151 -3.86 42.17 -7.06
CA SER A 151 -2.83 42.10 -8.09
C SER A 151 -1.66 41.22 -7.66
N PHE A 152 -1.39 41.13 -6.35
CA PHE A 152 -0.23 40.39 -5.88
C PHE A 152 -0.40 38.88 -6.02
N LEU A 153 -1.60 38.41 -6.30
CA LEU A 153 -1.82 36.97 -6.44
C LEU A 153 -1.39 36.42 -7.79
N ASP A 154 -1.01 37.28 -8.73
CA ASP A 154 -0.68 36.82 -10.07
C ASP A 154 0.57 35.96 -10.11
N LYS A 155 1.40 36.00 -9.07
CA LYS A 155 2.64 35.24 -9.05
C LYS A 155 2.47 33.84 -8.49
N TYR A 156 1.26 33.45 -8.11
CA TYR A 156 1.01 32.13 -7.55
C TYR A 156 0.27 31.26 -8.55
N GLN A 157 0.76 30.03 -8.74
CA GLN A 157 0.08 29.11 -9.64
C GLN A 157 -1.27 28.67 -9.06
N CYS A 158 -1.32 28.44 -7.76
CA CYS A 158 -2.54 27.93 -7.12
C CYS A 158 -2.84 28.75 -5.88
N VAL A 159 -4.13 28.88 -5.58
CA VAL A 159 -4.62 29.63 -4.43
C VAL A 159 -5.58 28.74 -3.65
N VAL A 160 -5.35 28.62 -2.35
CA VAL A 160 -6.21 27.85 -1.47
C VAL A 160 -6.73 28.76 -0.37
N LEU A 161 -8.05 28.81 -0.21
CA LEU A 161 -8.68 29.69 0.76
C LEU A 161 -9.44 28.84 1.79
N THR A 162 -9.13 29.06 3.06
CA THR A 162 -9.84 28.43 4.16
C THR A 162 -10.22 29.49 5.19
N GLU A 163 -11.37 29.28 5.84
CA GLU A 163 -11.87 30.20 6.86
C GLU A 163 -11.98 31.62 6.32
N MET A 164 -12.56 31.75 5.13
CA MET A 164 -12.74 33.03 4.47
C MET A 164 -14.21 33.26 4.19
N LYS A 165 -14.64 34.53 4.26
CA LYS A 165 -16.03 34.86 4.03
C LYS A 165 -16.42 34.57 2.59
N LEU A 166 -17.69 34.23 2.40
CA LEU A 166 -18.15 33.80 1.08
C LEU A 166 -18.05 34.89 0.02
N PRO A 167 -18.50 36.13 0.24
CA PRO A 167 -18.35 37.15 -0.82
C PRO A 167 -16.90 37.39 -1.20
N LEU A 168 -16.00 37.36 -0.22
CA LEU A 168 -14.59 37.51 -0.52
C LEU A 168 -14.09 36.35 -1.38
N GLN A 169 -14.55 35.13 -1.09
CA GLN A 169 -14.19 34.00 -1.92
C GLN A 169 -14.71 34.18 -3.34
N LYS A 170 -15.93 34.69 -3.49
CA LYS A 170 -16.47 34.94 -4.82
C LYS A 170 -15.59 35.92 -5.59
N LYS A 171 -15.23 37.04 -4.95
CA LYS A 171 -14.42 38.04 -5.64
C LYS A 171 -13.05 37.48 -6.01
N ILE A 172 -12.42 36.75 -5.08
CA ILE A 172 -11.10 36.21 -5.35
C ILE A 172 -11.16 35.18 -6.48
N ASN A 173 -12.18 34.33 -6.47
CA ASN A 173 -12.31 33.34 -7.55
C ASN A 173 -12.55 34.01 -8.88
N ASP A 174 -13.37 35.07 -8.90
CA ASP A 174 -13.60 35.79 -10.14
C ASP A 174 -12.31 36.39 -10.68
N PHE A 175 -11.50 36.97 -9.79
CA PHE A 175 -10.22 37.50 -10.24
C PHE A 175 -9.29 36.39 -10.74
N CYS A 176 -9.23 35.28 -10.00
CA CYS A 176 -8.26 34.23 -10.32
C CYS A 176 -8.57 33.58 -11.66
N ARG A 177 -9.84 33.25 -11.90
CA ARG A 177 -10.17 32.54 -13.12
C ARG A 177 -10.07 33.41 -14.36
N SER A 178 -9.97 34.73 -14.21
CA SER A 178 -9.89 35.63 -15.34
C SER A 178 -8.47 35.93 -15.77
N GLN A 179 -7.46 35.45 -15.05
CA GLN A 179 -6.08 35.70 -15.42
C GLN A 179 -5.66 34.79 -16.57
N CYS A 180 -4.60 35.20 -17.25
CA CYS A 180 -4.04 34.43 -18.37
C CYS A 180 -2.57 34.14 -18.09
N PRO A 181 -2.22 32.91 -17.72
CA PRO A 181 -3.08 31.73 -17.55
C PRO A 181 -3.91 31.82 -16.27
N PRO A 182 -5.05 31.13 -16.22
CA PRO A 182 -5.88 31.20 -15.03
C PRO A 182 -5.16 30.64 -13.81
N ILE A 183 -5.41 31.24 -12.66
CA ILE A 183 -4.85 30.79 -11.40
C ILE A 183 -5.84 29.81 -10.77
N LYS A 184 -5.39 28.59 -10.54
CA LYS A 184 -6.26 27.56 -10.00
C LYS A 184 -6.74 27.95 -8.61
N PHE A 185 -8.04 27.77 -8.37
CA PHE A 185 -8.69 28.20 -7.14
C PHE A 185 -9.23 26.98 -6.41
N ILE A 186 -8.97 26.88 -5.12
CA ILE A 186 -9.50 25.81 -4.28
C ILE A 186 -9.97 26.41 -2.97
N SER A 187 -11.18 26.06 -2.56
CA SER A 187 -11.75 26.53 -1.30
C SER A 187 -12.15 25.33 -0.45
N ALA A 188 -11.74 25.34 0.81
CA ALA A 188 -12.05 24.26 1.74
C ALA A 188 -12.44 24.84 3.08
N ASP A 189 -13.49 24.29 3.68
CA ASP A 189 -13.96 24.76 4.97
C ASP A 189 -14.49 23.58 5.77
N VAL A 190 -14.36 23.67 7.09
CA VAL A 190 -14.90 22.68 8.01
C VAL A 190 -15.66 23.41 9.10
N HIS A 191 -16.94 23.09 9.27
CA HIS A 191 -17.79 23.66 10.31
C HIS A 191 -18.34 22.51 11.13
N GLY A 192 -17.75 22.28 12.30
CA GLY A 192 -18.18 21.19 13.14
C GLY A 192 -17.95 19.84 12.50
N ILE A 193 -19.03 19.13 12.19
CA ILE A 193 -18.94 17.80 11.58
C ILE A 193 -19.21 17.85 10.08
N TRP A 194 -19.36 19.04 9.50
CA TRP A 194 -19.65 19.19 8.10
C TRP A 194 -18.49 19.89 7.40
N SER A 195 -18.19 19.48 6.17
CA SER A 195 -17.10 20.04 5.41
C SER A 195 -17.54 20.35 4.00
N ARG A 196 -16.88 21.31 3.38
CA ARG A 196 -17.17 21.70 2.01
C ARG A 196 -15.86 21.88 1.26
N LEU A 197 -15.76 21.29 0.08
CA LEU A 197 -14.58 21.42 -0.76
C LEU A 197 -15.00 21.83 -2.16
N PHE A 198 -14.28 22.80 -2.72
CA PHE A 198 -14.60 23.34 -4.04
C PHE A 198 -13.32 23.47 -4.87
N CYS A 199 -13.47 23.29 -6.17
CA CYS A 199 -12.35 23.41 -7.10
C CYS A 199 -12.78 24.20 -8.33
N ASP A 200 -11.86 25.00 -8.86
CA ASP A 200 -12.12 25.76 -10.08
C ASP A 200 -10.78 26.01 -10.74
N PHE A 201 -10.49 25.28 -11.81
CA PHE A 201 -9.21 25.35 -12.50
C PHE A 201 -9.33 26.06 -13.84
N GLY A 202 -10.15 27.10 -13.91
CA GLY A 202 -10.34 27.84 -15.14
C GLY A 202 -11.38 27.20 -16.04
N ASP A 203 -11.64 27.89 -17.15
CA ASP A 203 -12.66 27.42 -18.07
C ASP A 203 -12.27 26.08 -18.68
N GLU A 204 -11.01 25.93 -19.08
CA GLU A 204 -10.53 24.72 -19.73
C GLU A 204 -9.24 24.27 -19.06
N PHE A 205 -9.25 23.10 -18.44
CA PHE A 205 -8.09 22.54 -17.79
C PHE A 205 -7.63 21.31 -18.56
N GLU A 206 -6.35 21.28 -18.93
CA GLU A 206 -5.79 20.20 -19.72
C GLU A 206 -5.17 19.17 -18.81
N VAL A 207 -5.75 17.97 -18.78
CA VAL A 207 -5.25 16.86 -17.98
C VAL A 207 -4.34 16.02 -18.86
N LEU A 208 -3.10 15.83 -18.44
CA LEU A 208 -2.15 15.06 -19.21
C LEU A 208 -2.19 13.57 -18.88
N ASP A 209 -2.97 13.16 -17.89
CA ASP A 209 -3.07 11.75 -17.54
C ASP A 209 -4.37 11.55 -16.77
N THR A 210 -5.31 10.81 -17.36
CA THR A 210 -6.64 10.69 -16.77
C THR A 210 -6.60 9.91 -15.46
N THR A 211 -5.88 8.80 -15.42
CA THR A 211 -5.90 7.92 -14.26
C THR A 211 -4.54 7.62 -13.65
N GLY A 212 -3.46 7.70 -14.42
CA GLY A 212 -2.16 7.38 -13.90
C GLY A 212 -1.84 5.90 -13.82
N GLU A 213 -2.75 5.04 -14.29
CA GLU A 213 -2.48 3.61 -14.28
C GLU A 213 -1.43 3.25 -15.32
N GLU A 214 -0.78 2.13 -15.10
CA GLU A 214 0.17 1.61 -16.09
C GLU A 214 -0.58 1.26 -17.36
N PRO A 215 -0.10 1.69 -18.53
CA PRO A 215 -0.74 1.26 -19.78
C PRO A 215 -0.70 -0.24 -19.92
N LYS A 216 -1.80 -0.80 -20.41
CA LYS A 216 -1.94 -2.25 -20.52
C LYS A 216 -1.40 -2.75 -21.85
N GLU A 217 -0.89 -3.97 -21.83
CA GLU A 217 -0.41 -4.63 -23.04
C GLU A 217 -1.31 -5.83 -23.33
N ILE A 218 -1.83 -5.89 -24.55
CA ILE A 218 -2.77 -6.93 -24.96
C ILE A 218 -2.15 -7.68 -26.13
N PHE A 219 -1.99 -8.99 -25.97
CA PHE A 219 -1.45 -9.82 -27.03
C PHE A 219 -2.54 -10.19 -28.02
N ILE A 220 -2.19 -10.21 -29.30
CA ILE A 220 -3.14 -10.38 -30.39
C ILE A 220 -3.12 -11.82 -30.87
N SER A 221 -4.31 -12.40 -31.01
CA SER A 221 -4.45 -13.76 -31.51
C SER A 221 -4.66 -13.78 -33.03
N ASN A 222 -5.70 -13.09 -33.51
CA ASN A 222 -6.02 -13.08 -34.93
C ASN A 222 -6.77 -11.81 -35.27
N ILE A 223 -6.53 -11.30 -36.47
CA ILE A 223 -7.18 -10.09 -36.96
C ILE A 223 -7.85 -10.42 -38.29
N THR A 224 -9.10 -9.98 -38.44
CA THR A 224 -9.89 -10.28 -39.63
C THR A 224 -9.86 -9.08 -40.58
N GLN A 225 -9.79 -9.38 -41.88
CA GLN A 225 -9.82 -8.35 -42.92
C GLN A 225 -11.27 -7.99 -43.20
N ALA A 226 -11.73 -6.91 -42.61
CA ALA A 226 -13.13 -6.50 -42.74
C ALA A 226 -13.22 -5.00 -42.50
N ASN A 227 -14.39 -4.45 -42.84
CA ASN A 227 -14.69 -3.04 -42.60
C ASN A 227 -15.92 -2.94 -41.72
N PRO A 228 -15.76 -2.74 -40.41
CA PRO A 228 -14.50 -2.64 -39.67
C PRO A 228 -13.91 -4.01 -39.35
N GLY A 229 -12.58 -4.08 -39.25
CA GLY A 229 -11.95 -5.33 -38.87
C GLY A 229 -12.12 -5.64 -37.40
N ILE A 230 -11.94 -6.91 -37.07
CA ILE A 230 -12.10 -7.40 -35.71
C ILE A 230 -10.80 -8.01 -35.26
N VAL A 231 -10.32 -7.58 -34.10
CA VAL A 231 -9.09 -8.09 -33.50
C VAL A 231 -9.47 -9.03 -32.37
N THR A 232 -8.96 -10.25 -32.43
CA THR A 232 -9.21 -11.27 -31.41
C THR A 232 -7.97 -11.40 -30.54
N CYS A 233 -8.18 -11.39 -29.23
CA CYS A 233 -7.10 -11.58 -28.27
C CYS A 233 -6.94 -13.08 -27.98
N LEU A 234 -5.82 -13.41 -27.35
CA LEU A 234 -5.60 -14.78 -26.93
C LEU A 234 -6.61 -15.16 -25.86
N GLU A 235 -6.90 -16.46 -25.78
CA GLU A 235 -7.82 -16.95 -24.78
C GLU A 235 -7.29 -16.65 -23.37
N ASN A 236 -8.22 -16.64 -22.41
CA ASN A 236 -7.98 -16.35 -21.00
C ASN A 236 -7.07 -15.16 -20.77
N HIS A 237 -7.11 -14.20 -21.70
CA HIS A 237 -6.38 -12.93 -21.58
C HIS A 237 -7.32 -11.79 -21.96
N PRO A 238 -8.28 -11.48 -21.09
CA PRO A 238 -9.21 -10.38 -21.41
C PRO A 238 -8.47 -9.06 -21.52
N HIS A 239 -8.85 -8.27 -22.53
CA HIS A 239 -8.15 -7.00 -22.75
C HIS A 239 -8.48 -5.97 -21.69
N LYS A 240 -9.70 -6.02 -21.13
CA LYS A 240 -10.15 -5.08 -20.11
C LYS A 240 -10.02 -3.65 -20.60
N LEU A 241 -10.70 -3.37 -21.70
CA LEU A 241 -10.62 -2.07 -22.37
C LEU A 241 -12.00 -1.45 -22.48
N GLU A 242 -12.01 -0.15 -22.73
CA GLU A 242 -13.24 0.63 -22.87
C GLU A 242 -13.35 1.17 -24.28
N THR A 243 -14.57 1.23 -24.79
CA THR A 243 -14.80 1.76 -26.12
C THR A 243 -14.37 3.22 -26.19
N GLY A 244 -13.68 3.57 -27.29
CA GLY A 244 -13.22 4.92 -27.51
C GLY A 244 -11.76 5.16 -27.23
N GLN A 245 -11.08 4.24 -26.55
CA GLN A 245 -9.67 4.41 -26.28
C GLN A 245 -8.85 4.19 -27.55
N PHE A 246 -7.62 4.68 -27.52
CA PHE A 246 -6.71 4.60 -28.66
C PHE A 246 -5.60 3.61 -28.35
N LEU A 247 -5.33 2.70 -29.29
CA LEU A 247 -4.31 1.68 -29.13
C LEU A 247 -3.30 1.79 -30.27
N THR A 248 -2.06 1.43 -29.96
CA THR A 248 -1.00 1.32 -30.95
C THR A 248 -0.59 -0.14 -31.09
N PHE A 249 -0.02 -0.47 -32.23
CA PHE A 249 0.28 -1.87 -32.56
C PHE A 249 1.75 -2.00 -32.96
N ARG A 250 2.29 -3.18 -32.71
CA ARG A 250 3.67 -3.49 -33.11
C ARG A 250 3.82 -5.00 -33.20
N GLU A 251 4.87 -5.41 -33.90
CA GLU A 251 5.23 -6.83 -34.06
C GLU A 251 4.07 -7.64 -34.63
N ILE A 252 3.42 -7.10 -35.66
CA ILE A 252 2.32 -7.78 -36.33
C ILE A 252 2.81 -8.29 -37.66
N ASN A 253 2.61 -9.58 -37.90
CA ASN A 253 2.91 -10.19 -39.20
C ASN A 253 1.65 -10.20 -40.06
N GLY A 254 1.86 -10.05 -41.37
CA GLY A 254 0.75 -9.89 -42.28
C GLY A 254 0.39 -8.44 -42.54
N MET A 255 -0.16 -7.76 -41.53
CA MET A 255 -0.50 -6.35 -41.64
C MET A 255 0.63 -5.52 -41.05
N THR A 256 1.68 -5.34 -41.87
CA THR A 256 2.77 -4.45 -41.47
C THR A 256 2.33 -3.01 -41.39
N GLY A 257 1.25 -2.64 -42.08
CA GLY A 257 0.75 -1.27 -41.99
C GLY A 257 0.24 -0.93 -40.60
N LEU A 258 -0.39 -1.90 -39.93
CA LEU A 258 -0.91 -1.64 -38.59
C LEU A 258 0.19 -1.36 -37.58
N ASN A 259 1.42 -1.81 -37.84
CA ASN A 259 2.51 -1.53 -36.93
C ASN A 259 2.83 -0.04 -36.94
N GLY A 260 2.93 0.54 -35.74
CA GLY A 260 3.24 1.94 -35.61
C GLY A 260 2.06 2.88 -35.76
N SER A 261 0.87 2.37 -36.02
CA SER A 261 -0.32 3.19 -36.19
C SER A 261 -1.13 3.21 -34.90
N ILE A 262 -2.00 4.21 -34.80
CA ILE A 262 -2.89 4.37 -33.65
C ILE A 262 -4.32 4.31 -34.16
N GLN A 263 -5.12 3.43 -33.55
CA GLN A 263 -6.51 3.23 -33.96
C GLN A 263 -7.42 3.30 -32.74
N GLN A 264 -8.54 3.99 -32.89
CA GLN A 264 -9.58 3.97 -31.86
C GLN A 264 -10.37 2.68 -31.96
N ILE A 265 -10.74 2.13 -30.81
CA ILE A 265 -11.33 0.80 -30.76
C ILE A 265 -12.75 0.89 -30.22
N THR A 266 -13.52 -0.16 -30.49
CA THR A 266 -14.85 -0.36 -29.93
C THR A 266 -14.93 -1.75 -29.33
N VAL A 267 -15.30 -1.81 -28.05
CA VAL A 267 -15.34 -3.10 -27.36
C VAL A 267 -16.51 -3.92 -27.87
N ILE A 268 -16.24 -5.19 -28.20
CA ILE A 268 -17.25 -6.13 -28.67
C ILE A 268 -17.44 -7.27 -27.68
N SER A 269 -16.36 -7.95 -27.33
CA SER A 269 -16.38 -9.05 -26.37
C SER A 269 -15.17 -8.89 -25.46
N PRO A 270 -15.15 -9.56 -24.31
CA PRO A 270 -13.98 -9.45 -23.43
C PRO A 270 -12.68 -9.85 -24.10
N PHE A 271 -12.74 -10.62 -25.19
CA PHE A 271 -11.55 -11.03 -25.91
C PHE A 271 -11.50 -10.49 -27.35
N SER A 272 -12.36 -9.55 -27.71
CA SER A 272 -12.36 -9.04 -29.08
C SER A 272 -12.83 -7.60 -29.11
N PHE A 273 -12.40 -6.89 -30.14
CA PHE A 273 -12.82 -5.51 -30.36
C PHE A 273 -12.58 -5.16 -31.81
N SER A 274 -13.19 -4.06 -32.25
CA SER A 274 -13.08 -3.59 -33.62
C SER A 274 -12.19 -2.34 -33.67
N ILE A 275 -11.32 -2.28 -34.67
CA ILE A 275 -10.38 -1.18 -34.80
C ILE A 275 -10.61 -0.33 -36.04
N GLY A 276 -11.45 -0.77 -36.96
CA GLY A 276 -11.69 -0.04 -38.19
C GLY A 276 -11.34 -0.87 -39.40
N ASP A 277 -11.49 -0.25 -40.57
CA ASP A 277 -11.34 -0.97 -41.83
C ASP A 277 -9.94 -1.53 -41.99
N THR A 278 -9.86 -2.81 -42.36
CA THR A 278 -8.59 -3.49 -42.58
C THR A 278 -8.62 -4.28 -43.89
N THR A 279 -9.61 -4.04 -44.74
CA THR A 279 -9.75 -4.81 -45.97
C THR A 279 -8.57 -4.57 -46.91
N GLU A 280 -8.09 -3.32 -46.98
CA GLU A 280 -7.01 -2.98 -47.89
C GLU A 280 -5.67 -3.57 -47.49
N LEU A 281 -5.58 -4.15 -46.30
CA LEU A 281 -4.32 -4.69 -45.79
C LEU A 281 -4.16 -6.16 -46.18
N GLU A 282 -2.95 -6.67 -45.99
CA GLU A 282 -2.64 -8.05 -46.29
C GLU A 282 -3.23 -8.97 -45.23
N PRO A 283 -3.42 -10.25 -45.55
CA PRO A 283 -3.98 -11.17 -44.57
C PRO A 283 -3.08 -11.36 -43.35
N TYR A 284 -3.71 -11.64 -42.22
CA TYR A 284 -2.99 -11.84 -40.96
C TYR A 284 -2.22 -13.14 -40.98
N LEU A 285 -0.98 -13.10 -40.49
CA LEU A 285 -0.15 -14.29 -40.40
C LEU A 285 -0.10 -14.85 -38.98
N HIS A 286 0.43 -14.08 -38.03
CA HIS A 286 0.54 -14.46 -36.63
C HIS A 286 1.19 -13.31 -35.88
N GLY A 287 1.08 -13.36 -34.56
CA GLY A 287 1.76 -12.39 -33.71
C GLY A 287 1.07 -11.04 -33.68
N GLY A 288 1.46 -10.23 -32.71
CA GLY A 288 0.92 -8.89 -32.59
C GLY A 288 0.74 -8.45 -31.14
N ILE A 289 1.14 -7.22 -30.84
CA ILE A 289 0.99 -6.66 -29.50
C ILE A 289 0.36 -5.28 -29.62
N ALA A 290 -0.70 -5.05 -28.86
CA ALA A 290 -1.39 -3.77 -28.82
C ALA A 290 -1.14 -3.11 -27.47
N VAL A 291 -0.76 -1.84 -27.50
CA VAL A 291 -0.42 -1.08 -26.30
C VAL A 291 -1.38 0.08 -26.17
N GLN A 292 -1.94 0.26 -24.97
CA GLN A 292 -2.83 1.38 -24.73
C GLN A 292 -2.07 2.69 -24.82
N VAL A 293 -2.71 3.70 -25.40
CA VAL A 293 -2.12 5.02 -25.60
C VAL A 293 -2.92 6.04 -24.82
N LYS A 294 -2.23 6.82 -23.99
CA LYS A 294 -2.87 7.87 -23.21
C LYS A 294 -2.86 9.17 -23.98
N THR A 295 -3.97 9.90 -23.90
CA THR A 295 -4.13 11.16 -24.61
C THR A 295 -4.58 12.25 -23.64
N PRO A 296 -4.24 13.50 -23.92
CA PRO A 296 -4.73 14.60 -23.07
C PRO A 296 -6.26 14.68 -23.11
N LYS A 297 -6.82 15.08 -21.98
CA LYS A 297 -8.26 15.24 -21.83
C LYS A 297 -8.55 16.63 -21.30
N THR A 298 -9.59 17.27 -21.83
CA THR A 298 -9.97 18.61 -21.41
C THR A 298 -11.19 18.54 -20.50
N VAL A 299 -11.07 19.16 -19.33
CA VAL A 299 -12.14 19.19 -18.34
C VAL A 299 -12.60 20.63 -18.18
N PHE A 300 -13.91 20.84 -18.24
CA PHE A 300 -14.50 22.17 -18.17
C PHE A 300 -15.00 22.43 -16.76
N PHE A 301 -14.52 23.50 -16.14
CA PHE A 301 -14.97 23.93 -14.84
C PHE A 301 -15.92 25.11 -14.99
N GLU A 302 -16.28 25.74 -13.88
CA GLU A 302 -17.18 26.87 -13.92
C GLU A 302 -16.88 27.78 -12.74
N SER A 303 -17.31 29.03 -12.85
CA SER A 303 -17.05 30.02 -11.82
C SER A 303 -17.77 29.66 -10.53
N LEU A 304 -17.19 30.08 -9.40
CA LEU A 304 -17.78 29.78 -8.11
C LEU A 304 -19.16 30.42 -7.97
N GLU A 305 -19.31 31.65 -8.46
CA GLU A 305 -20.58 32.35 -8.31
C GLU A 305 -21.70 31.60 -9.03
N ARG A 306 -21.42 31.09 -10.23
CA ARG A 306 -22.43 30.31 -10.93
C ARG A 306 -22.62 28.93 -10.33
N GLN A 307 -21.54 28.31 -9.84
CA GLN A 307 -21.63 26.96 -9.30
C GLN A 307 -22.51 26.87 -8.07
N LEU A 308 -22.77 27.99 -7.38
CA LEU A 308 -23.61 27.94 -6.19
C LEU A 308 -25.06 27.65 -6.51
N LYS A 309 -25.46 27.69 -7.77
CA LYS A 309 -26.83 27.41 -8.17
C LYS A 309 -27.01 26.07 -8.87
N HIS A 310 -25.97 25.56 -9.53
CA HIS A 310 -26.01 24.27 -10.20
C HIS A 310 -24.75 23.50 -9.83
N PRO A 311 -24.62 23.10 -8.57
CA PRO A 311 -23.39 22.45 -8.13
C PRO A 311 -23.24 21.06 -8.73
N LYS A 312 -22.01 20.72 -9.10
CA LYS A 312 -21.69 19.37 -9.55
C LYS A 312 -21.07 18.59 -8.40
N CYS A 313 -21.94 18.20 -7.47
CA CYS A 313 -21.48 17.52 -6.27
C CYS A 313 -21.03 16.10 -6.59
N LEU A 314 -19.99 15.65 -5.89
CA LEU A 314 -19.48 14.29 -6.05
C LEU A 314 -20.18 13.39 -5.04
N ILE A 315 -20.79 12.31 -5.54
CA ILE A 315 -21.55 11.41 -4.68
C ILE A 315 -20.59 10.50 -3.93
N VAL A 316 -20.74 10.43 -2.62
CA VAL A 316 -19.91 9.58 -1.78
C VAL A 316 -20.69 8.46 -1.13
N ASP A 317 -22.02 8.49 -1.19
CA ASP A 317 -22.86 7.43 -0.60
C ASP A 317 -24.01 7.19 -1.56
N PHE A 318 -23.96 6.08 -2.29
CA PHE A 318 -24.99 5.81 -3.29
C PHE A 318 -26.35 5.51 -2.68
N SER A 319 -26.40 5.17 -1.39
CA SER A 319 -27.68 4.98 -0.74
C SER A 319 -28.42 6.30 -0.54
N ASN A 320 -27.71 7.42 -0.54
CA ASN A 320 -28.31 8.75 -0.42
C ASN A 320 -27.76 9.64 -1.53
N PRO A 321 -28.20 9.41 -2.77
CA PRO A 321 -27.65 10.19 -3.89
C PRO A 321 -27.90 11.68 -3.78
N GLU A 322 -28.98 12.10 -3.13
CA GLU A 322 -29.33 13.51 -3.05
C GLU A 322 -28.83 14.17 -1.77
N ALA A 323 -28.12 13.43 -0.92
CA ALA A 323 -27.58 14.03 0.29
C ALA A 323 -26.61 15.17 0.03
N PRO A 324 -25.66 15.08 -0.90
CA PRO A 324 -24.73 16.21 -1.11
C PRO A 324 -25.43 17.51 -1.45
N LEU A 325 -26.51 17.44 -2.23
CA LEU A 325 -27.23 18.67 -2.56
C LEU A 325 -27.85 19.30 -1.32
N GLU A 326 -28.43 18.48 -0.44
CA GLU A 326 -28.99 19.01 0.79
C GLU A 326 -27.91 19.60 1.69
N ILE A 327 -26.75 18.94 1.77
CA ILE A 327 -25.66 19.48 2.57
C ILE A 327 -25.19 20.81 2.00
N HIS A 328 -25.10 20.90 0.68
CA HIS A 328 -24.71 22.16 0.04
C HIS A 328 -25.71 23.26 0.36
N THR A 329 -27.00 22.95 0.31
CA THR A 329 -28.01 23.93 0.66
C THR A 329 -27.85 24.38 2.10
N ALA A 330 -27.62 23.43 3.02
CA ALA A 330 -27.48 23.79 4.43
C ALA A 330 -26.26 24.67 4.66
N MET A 331 -25.14 24.35 4.04
CA MET A 331 -23.93 25.14 4.26
C MET A 331 -24.06 26.52 3.63
N LEU A 332 -24.73 26.62 2.48
CA LEU A 332 -24.99 27.93 1.91
C LEU A 332 -25.89 28.75 2.83
N ALA A 333 -26.88 28.11 3.45
CA ALA A 333 -27.72 28.80 4.41
C ALA A 333 -26.90 29.27 5.60
N LEU A 334 -25.95 28.44 6.05
CA LEU A 334 -25.08 28.84 7.15
C LEU A 334 -24.25 30.06 6.79
N ASP A 335 -23.71 30.09 5.56
CA ASP A 335 -22.94 31.24 5.12
C ASP A 335 -23.81 32.49 5.05
N GLN A 336 -25.04 32.36 4.55
CA GLN A 336 -25.94 33.52 4.53
C GLN A 336 -26.25 33.99 5.95
N PHE A 337 -26.42 33.05 6.88
CA PHE A 337 -26.64 33.42 8.27
C PHE A 337 -25.45 34.18 8.84
N GLN A 338 -24.23 33.71 8.54
CA GLN A 338 -23.04 34.41 8.99
C GLN A 338 -22.97 35.81 8.42
N GLU A 339 -23.29 35.96 7.14
CA GLU A 339 -23.30 37.29 6.54
C GLU A 339 -24.34 38.19 7.19
N LYS A 340 -25.51 37.65 7.48
CA LYS A 340 -26.61 38.47 7.98
C LYS A 340 -26.40 38.89 9.43
N TYR A 341 -25.95 37.96 10.27
CA TYR A 341 -25.87 38.21 11.72
C TYR A 341 -24.45 38.39 12.21
N SER A 342 -23.45 38.27 11.36
CA SER A 342 -22.03 38.44 11.71
C SER A 342 -21.57 37.47 12.79
N ARG A 343 -22.31 36.38 13.00
CA ARG A 343 -21.94 35.39 14.00
C ARG A 343 -22.52 34.04 13.60
N LYS A 344 -21.89 32.98 14.07
CA LYS A 344 -22.43 31.65 13.84
C LYS A 344 -23.56 31.38 14.82
N PRO A 345 -24.47 30.46 14.46
CA PRO A 345 -25.58 30.14 15.37
C PRO A 345 -25.08 29.60 16.69
N ASN A 346 -25.78 29.96 17.76
CA ASN A 346 -25.44 29.47 19.09
C ASN A 346 -26.02 28.08 19.30
N VAL A 347 -25.22 27.21 19.92
CA VAL A 347 -25.66 25.85 20.18
C VAL A 347 -26.79 25.85 21.20
N GLY A 348 -27.87 25.15 20.88
CA GLY A 348 -29.01 25.07 21.78
C GLY A 348 -30.01 26.20 21.66
N CYS A 349 -29.74 27.19 20.82
CA CYS A 349 -30.68 28.29 20.60
C CYS A 349 -31.65 27.88 19.52
N GLN A 350 -32.89 27.58 19.92
CA GLN A 350 -33.89 27.12 18.97
C GLN A 350 -34.24 28.20 17.96
N GLN A 351 -34.22 29.47 18.36
CA GLN A 351 -34.54 30.54 17.43
C GLN A 351 -33.53 30.60 16.29
N ASP A 352 -32.24 30.42 16.61
CA ASP A 352 -31.22 30.41 15.57
C ASP A 352 -31.44 29.25 14.61
N SER A 353 -31.77 28.07 15.13
CA SER A 353 -32.00 26.91 14.26
C SER A 353 -33.20 27.14 13.36
N GLU A 354 -34.27 27.75 13.90
CA GLU A 354 -35.43 28.04 13.08
C GLU A 354 -35.10 29.05 11.99
N GLU A 355 -34.30 30.07 12.33
CA GLU A 355 -33.89 31.05 11.32
C GLU A 355 -33.05 30.40 10.24
N LEU A 356 -32.15 29.50 10.64
CA LEU A 356 -31.32 28.79 9.65
C LEU A 356 -32.18 27.91 8.76
N LEU A 357 -33.18 27.24 9.34
CA LEU A 357 -34.08 26.42 8.53
C LEU A 357 -34.86 27.27 7.54
N LYS A 358 -35.32 28.44 7.99
CA LYS A 358 -36.03 29.34 7.08
C LYS A 358 -35.12 29.80 5.94
N LEU A 359 -33.88 30.14 6.26
CA LEU A 359 -32.94 30.53 5.22
C LEU A 359 -32.68 29.39 4.24
N ALA A 360 -32.54 28.17 4.75
CA ALA A 360 -32.33 27.02 3.88
C ALA A 360 -33.53 26.79 2.97
N THR A 361 -34.74 26.94 3.51
CA THR A 361 -35.93 26.81 2.69
C THR A 361 -35.97 27.86 1.60
N SER A 362 -35.60 29.10 1.94
CA SER A 362 -35.56 30.16 0.93
C SER A 362 -34.54 29.85 -0.15
N ILE A 363 -33.37 29.35 0.25
CA ILE A 363 -32.31 29.05 -0.72
C ILE A 363 -32.73 27.90 -1.62
N SER A 364 -33.39 26.90 -1.06
CA SER A 364 -33.76 25.71 -1.83
C SER A 364 -34.59 26.06 -3.05
N GLU A 365 -35.45 27.07 -2.94
CA GLU A 365 -36.29 27.45 -4.07
C GLU A 365 -35.47 27.99 -5.23
N THR A 366 -34.39 28.73 -4.93
CA THR A 366 -33.58 29.32 -5.99
C THR A 366 -32.74 28.27 -6.72
N LEU A 367 -32.56 27.09 -6.14
CA LEU A 367 -31.77 26.06 -6.80
C LEU A 367 -32.49 25.53 -8.03
N GLU A 368 -31.70 25.04 -8.98
CA GLU A 368 -32.26 24.54 -10.24
C GLU A 368 -33.16 23.33 -9.99
N GLU A 369 -32.70 22.39 -9.16
CA GLU A 369 -33.46 21.17 -8.93
C GLU A 369 -34.54 21.32 -7.87
N LYS A 370 -34.47 22.38 -7.06
CA LYS A 370 -35.40 22.58 -5.95
C LYS A 370 -35.52 21.35 -5.06
N PRO A 371 -34.43 20.90 -4.45
CA PRO A 371 -34.50 19.71 -3.60
C PRO A 371 -35.19 20.00 -2.28
N ASP A 372 -35.65 18.93 -1.64
CA ASP A 372 -36.27 19.07 -0.33
C ASP A 372 -35.23 19.43 0.71
N VAL A 373 -35.64 20.25 1.68
CA VAL A 373 -34.75 20.67 2.76
C VAL A 373 -34.71 19.57 3.82
N ASN A 374 -33.52 19.07 4.10
CA ASN A 374 -33.35 18.04 5.12
C ASN A 374 -33.31 18.72 6.49
N ALA A 375 -34.38 18.54 7.27
CA ALA A 375 -34.46 19.18 8.57
C ALA A 375 -33.35 18.72 9.50
N ASP A 376 -33.05 17.42 9.48
CA ASP A 376 -32.03 16.89 10.39
C ASP A 376 -30.67 17.49 10.11
N ILE A 377 -30.30 17.61 8.83
CA ILE A 377 -28.97 18.13 8.48
C ILE A 377 -28.85 19.58 8.92
N VAL A 378 -29.88 20.38 8.64
CA VAL A 378 -29.84 21.80 9.03
C VAL A 378 -29.79 21.91 10.55
N HIS A 379 -30.57 21.11 11.25
CA HIS A 379 -30.59 21.17 12.71
C HIS A 379 -29.22 20.82 13.28
N TRP A 380 -28.59 19.78 12.76
CA TRP A 380 -27.28 19.39 13.29
C TRP A 380 -26.21 20.41 12.93
N LEU A 381 -26.28 20.99 11.73
CA LEU A 381 -25.34 22.03 11.36
C LEU A 381 -25.46 23.23 12.28
N SER A 382 -26.70 23.62 12.61
CA SER A 382 -26.90 24.67 13.60
C SER A 382 -26.34 24.27 14.95
N TRP A 383 -26.54 23.01 15.34
CA TRP A 383 -26.10 22.55 16.65
C TRP A 383 -24.59 22.62 16.79
N THR A 384 -23.87 22.19 15.76
CA THR A 384 -22.40 22.09 15.82
C THR A 384 -21.73 23.08 14.88
N ALA A 385 -22.30 24.28 14.75
CA ALA A 385 -21.74 25.27 13.85
C ALA A 385 -20.37 25.74 14.31
N GLN A 386 -20.21 25.98 15.60
CA GLN A 386 -18.98 26.57 16.13
C GLN A 386 -17.92 25.53 16.45
N GLY A 387 -18.20 24.25 16.26
CA GLY A 387 -17.23 23.22 16.56
C GLY A 387 -16.21 23.05 15.46
N PHE A 388 -15.31 22.08 15.66
CA PHE A 388 -14.29 21.74 14.67
C PHE A 388 -13.81 20.34 14.96
N LEU A 389 -14.01 19.43 14.00
CA LEU A 389 -13.67 18.03 14.18
C LEU A 389 -12.33 17.74 13.52
N SER A 390 -11.36 17.31 14.32
CA SER A 390 -10.00 17.14 13.81
C SER A 390 -9.88 16.05 12.75
N PRO A 391 -10.40 14.83 12.92
CA PRO A 391 -10.23 13.81 11.87
C PRO A 391 -10.83 14.21 10.54
N LEU A 392 -12.02 14.83 10.56
CA LEU A 392 -12.62 15.29 9.32
C LEU A 392 -11.77 16.37 8.68
N ALA A 393 -11.20 17.25 9.49
CA ALA A 393 -10.29 18.27 8.98
C ALA A 393 -9.09 17.63 8.31
N ALA A 394 -8.53 16.58 8.92
CA ALA A 394 -7.38 15.90 8.32
C ALA A 394 -7.75 15.25 7.01
N ALA A 395 -8.91 14.60 6.94
CA ALA A 395 -9.33 13.96 5.70
C ALA A 395 -9.53 14.99 4.59
N VAL A 396 -10.23 16.08 4.89
CA VAL A 396 -10.45 17.11 3.89
C VAL A 396 -9.13 17.76 3.49
N GLY A 397 -8.21 17.91 4.43
CA GLY A 397 -6.90 18.44 4.10
C GLY A 397 -6.13 17.55 3.15
N GLY A 398 -6.19 16.24 3.38
CA GLY A 398 -5.55 15.32 2.46
C GLY A 398 -6.14 15.41 1.07
N VAL A 399 -7.47 15.44 0.97
CA VAL A 399 -8.12 15.52 -0.34
C VAL A 399 -7.76 16.83 -1.02
N ALA A 400 -7.78 17.94 -0.28
CA ALA A 400 -7.48 19.24 -0.87
C ALA A 400 -6.03 19.33 -1.30
N SER A 401 -5.11 18.74 -0.55
CA SER A 401 -3.72 18.72 -0.98
C SER A 401 -3.55 17.92 -2.25
N GLN A 402 -4.25 16.79 -2.36
CA GLN A 402 -4.20 16.04 -3.61
C GLN A 402 -4.74 16.89 -4.77
N GLU A 403 -5.81 17.65 -4.51
CA GLU A 403 -6.34 18.51 -5.56
C GLU A 403 -5.36 19.61 -5.94
N VAL A 404 -4.63 20.15 -4.96
CA VAL A 404 -3.61 21.15 -5.26
C VAL A 404 -2.52 20.56 -6.14
N LEU A 405 -2.09 19.33 -5.83
CA LEU A 405 -1.10 18.67 -6.67
C LEU A 405 -1.62 18.47 -8.07
N LYS A 406 -2.88 18.07 -8.21
CA LYS A 406 -3.48 17.94 -9.53
C LYS A 406 -3.48 19.28 -10.26
N ALA A 407 -3.77 20.36 -9.54
CA ALA A 407 -3.80 21.67 -10.16
C ALA A 407 -2.42 22.07 -10.67
N VAL A 408 -1.38 21.80 -9.90
CA VAL A 408 -0.05 22.26 -10.29
C VAL A 408 0.65 21.32 -11.25
N THR A 409 0.19 20.08 -11.39
CA THR A 409 0.84 19.13 -12.29
C THR A 409 -0.04 18.64 -13.43
N GLY A 410 -1.34 18.51 -13.22
CA GLY A 410 -2.19 17.88 -14.20
C GLY A 410 -2.02 16.38 -14.29
N LYS A 411 -1.55 15.75 -13.21
CA LYS A 411 -1.22 14.33 -13.26
C LYS A 411 -2.46 13.44 -13.24
N PHE A 412 -3.55 13.89 -12.61
CA PHE A 412 -4.74 13.08 -12.49
C PHE A 412 -5.96 13.89 -12.88
N SER A 413 -7.11 13.23 -12.90
CA SER A 413 -8.37 13.91 -13.19
C SER A 413 -8.81 14.68 -11.96
N PRO A 414 -9.00 15.99 -12.04
CA PRO A 414 -9.33 16.78 -10.86
C PRO A 414 -10.79 16.61 -10.45
N LEU A 415 -11.05 17.00 -9.21
CA LEU A 415 -12.42 17.03 -8.71
C LEU A 415 -13.24 18.05 -9.48
N CYS A 416 -14.52 17.73 -9.70
CA CYS A 416 -15.39 18.62 -10.48
C CYS A 416 -16.81 18.46 -9.97
N GLN A 417 -17.24 19.35 -9.08
CA GLN A 417 -16.38 20.40 -8.54
C GLN A 417 -16.45 20.41 -7.02
N TRP A 418 -17.59 19.98 -6.48
CA TRP A 418 -17.84 20.03 -5.05
C TRP A 418 -17.69 18.65 -4.43
N LEU A 419 -17.06 18.59 -3.26
CA LEU A 419 -17.00 17.39 -2.45
C LEU A 419 -17.51 17.72 -1.06
N TYR A 420 -18.49 16.96 -0.59
CA TYR A 420 -19.12 17.21 0.69
C TYR A 420 -18.94 15.98 1.58
N LEU A 421 -17.82 15.94 2.29
CA LEU A 421 -17.63 14.94 3.33
C LEU A 421 -18.41 15.35 4.58
N GLU A 422 -18.88 14.35 5.32
CA GLU A 422 -19.66 14.61 6.51
C GLU A 422 -19.45 13.48 7.49
N ALA A 423 -19.74 13.76 8.76
CA ALA A 423 -19.63 12.78 9.82
C ALA A 423 -20.87 12.80 10.69
N ALA A 424 -22.04 12.91 10.05
CA ALA A 424 -23.30 12.95 10.80
C ALA A 424 -23.56 11.66 11.56
N ASP A 425 -22.94 10.56 11.13
CA ASP A 425 -23.15 9.29 11.83
C ASP A 425 -22.65 9.37 13.27
N ILE A 426 -21.68 10.25 13.55
CA ILE A 426 -21.15 10.36 14.89
C ILE A 426 -22.21 10.86 15.86
N VAL A 427 -22.99 11.85 15.45
CA VAL A 427 -24.01 12.43 16.33
C VAL A 427 -25.39 11.87 16.08
N GLU A 428 -25.63 11.21 14.95
CA GLU A 428 -26.97 10.70 14.65
C GLU A 428 -27.38 9.64 15.66
N SER A 429 -26.45 8.77 16.05
CA SER A 429 -26.74 7.74 17.04
C SER A 429 -26.97 8.32 18.43
N LEU A 430 -26.60 9.57 18.67
CA LEU A 430 -26.78 10.19 19.97
C LEU A 430 -28.23 10.59 20.25
N GLY A 431 -29.09 10.57 19.24
CA GLY A 431 -30.48 10.96 19.43
C GLY A 431 -30.63 12.44 19.68
N LYS A 432 -31.10 12.81 20.87
CA LYS A 432 -31.30 14.20 21.25
C LYS A 432 -30.58 14.44 22.57
N PRO A 433 -29.31 14.81 22.53
CA PRO A 433 -28.60 15.20 23.74
C PRO A 433 -28.94 16.63 24.15
N GLU A 434 -28.57 16.95 25.38
CA GLU A 434 -28.79 18.29 25.89
C GLU A 434 -27.68 19.23 25.41
N CYS A 435 -28.00 20.53 25.40
CA CYS A 435 -27.03 21.51 24.93
C CYS A 435 -25.90 21.71 25.93
N GLU A 436 -26.14 21.41 27.20
CA GLU A 436 -25.13 21.64 28.23
C GLU A 436 -23.89 20.77 28.00
N GLU A 437 -24.05 19.62 27.35
CA GLU A 437 -22.89 18.77 27.08
C GLU A 437 -21.97 19.35 26.03
N PHE A 438 -22.41 20.36 25.28
CA PHE A 438 -21.61 20.92 24.21
C PHE A 438 -21.00 22.28 24.54
N LEU A 439 -21.38 22.88 25.66
CA LEU A 439 -20.87 24.21 25.99
C LEU A 439 -19.37 24.15 26.25
N PRO A 440 -18.63 25.17 25.84
CA PRO A 440 -17.18 25.18 26.12
C PRO A 440 -16.90 25.28 27.60
N ARG A 441 -15.79 24.66 28.02
CA ARG A 441 -15.42 24.61 29.42
C ARG A 441 -14.02 25.17 29.67
N GLY A 442 -13.39 25.74 28.66
CA GLY A 442 -12.12 26.43 28.82
C GLY A 442 -10.89 25.60 28.51
N ASP A 443 -11.02 24.28 28.43
CA ASP A 443 -9.88 23.44 28.17
C ASP A 443 -9.55 23.44 26.67
N ARG A 444 -8.53 22.67 26.29
CA ARG A 444 -8.13 22.60 24.90
C ARG A 444 -9.11 21.80 24.06
N TYR A 445 -9.95 20.97 24.67
CA TYR A 445 -10.87 20.11 23.94
C TYR A 445 -12.22 20.76 23.69
N ASP A 446 -12.30 22.09 23.76
CA ASP A 446 -13.58 22.76 23.52
C ASP A 446 -14.06 22.55 22.10
N ALA A 447 -13.14 22.54 21.13
CA ALA A 447 -13.53 22.35 19.75
C ALA A 447 -14.18 20.99 19.53
N LEU A 448 -13.62 19.94 20.15
CA LEU A 448 -14.19 18.62 20.00
C LEU A 448 -15.46 18.46 20.82
N ARG A 449 -15.50 19.07 22.01
CA ARG A 449 -16.69 18.98 22.86
C ARG A 449 -17.87 19.64 22.19
N ALA A 450 -17.64 20.76 21.51
CA ALA A 450 -18.72 21.41 20.77
C ALA A 450 -19.23 20.57 19.63
N CYS A 451 -18.51 19.52 19.24
CA CYS A 451 -18.94 18.62 18.17
C CYS A 451 -19.64 17.38 18.69
N ILE A 452 -19.03 16.66 19.63
CA ILE A 452 -19.52 15.33 20.01
C ILE A 452 -20.05 15.28 21.43
N GLY A 453 -20.01 16.38 22.16
CA GLY A 453 -20.50 16.40 23.52
C GLY A 453 -19.45 15.97 24.52
N ASP A 454 -19.73 16.28 25.79
CA ASP A 454 -18.76 16.03 26.84
C ASP A 454 -18.65 14.55 27.17
N THR A 455 -19.77 13.82 27.11
CA THR A 455 -19.76 12.41 27.48
C THR A 455 -18.84 11.61 26.57
N LEU A 456 -18.99 11.77 25.26
CA LEU A 456 -18.15 11.02 24.34
C LEU A 456 -16.70 11.44 24.43
N CYS A 457 -16.44 12.71 24.74
CA CYS A 457 -15.07 13.14 24.96
C CYS A 457 -14.47 12.44 26.17
N GLN A 458 -15.24 12.31 27.25
CA GLN A 458 -14.75 11.60 28.42
C GLN A 458 -14.50 10.13 28.10
N LYS A 459 -15.39 9.52 27.31
CA LYS A 459 -15.16 8.14 26.91
C LYS A 459 -13.89 8.00 26.09
N LEU A 460 -13.62 8.98 25.23
CA LEU A 460 -12.40 8.92 24.43
C LEU A 460 -11.15 8.99 25.30
N GLN A 461 -11.17 9.84 26.33
CA GLN A 461 -9.99 10.01 27.15
C GLN A 461 -9.63 8.77 27.95
N ASN A 462 -10.55 7.83 28.11
CA ASN A 462 -10.32 6.63 28.89
C ASN A 462 -10.02 5.42 28.03
N LEU A 463 -9.76 5.59 26.74
CA LEU A 463 -9.51 4.46 25.87
C LEU A 463 -8.17 3.81 26.17
N ASN A 464 -8.10 2.51 25.88
CA ASN A 464 -6.85 1.76 25.87
C ASN A 464 -6.67 1.22 24.46
N ILE A 465 -5.93 1.95 23.63
CA ILE A 465 -5.79 1.65 22.22
C ILE A 465 -4.45 0.95 21.99
N PHE A 466 -4.50 -0.20 21.33
CA PHE A 466 -3.28 -0.90 20.93
C PHE A 466 -3.09 -0.68 19.43
N LEU A 467 -2.18 0.23 19.10
CA LEU A 467 -1.89 0.59 17.71
C LEU A 467 -0.71 -0.25 17.23
N VAL A 468 -0.93 -1.03 16.18
CA VAL A 468 0.07 -1.92 15.63
C VAL A 468 0.73 -1.24 14.44
N GLY A 469 2.06 -1.21 14.44
CA GLY A 469 2.79 -0.56 13.37
C GLY A 469 2.74 0.95 13.50
N CYS A 470 3.85 1.62 13.17
CA CYS A 470 3.93 3.06 13.29
C CYS A 470 4.47 3.67 12.01
N GLY A 471 3.98 3.21 10.87
CA GLY A 471 4.43 3.71 9.59
C GLY A 471 3.81 5.05 9.25
N ALA A 472 3.50 5.25 7.96
CA ALA A 472 2.88 6.51 7.54
C ALA A 472 1.52 6.68 8.20
N ILE A 473 0.70 5.63 8.20
CA ILE A 473 -0.62 5.72 8.81
C ILE A 473 -0.50 5.86 10.33
N GLY A 474 0.48 5.19 10.92
CA GLY A 474 0.63 5.22 12.37
C GLY A 474 0.92 6.61 12.91
N CYS A 475 1.78 7.36 12.22
CA CYS A 475 2.11 8.70 12.69
C CYS A 475 0.89 9.61 12.65
N GLU A 476 0.13 9.57 11.56
CA GLU A 476 -1.06 10.40 11.46
C GLU A 476 -2.10 9.98 12.48
N MET A 477 -2.22 8.67 12.74
CA MET A 477 -3.14 8.22 13.76
C MET A 477 -2.71 8.71 15.14
N LEU A 478 -1.41 8.75 15.41
CA LEU A 478 -0.94 9.31 16.67
C LEU A 478 -1.27 10.78 16.77
N LYS A 479 -1.10 11.53 15.67
CA LYS A 479 -1.43 12.94 15.69
C LYS A 479 -2.93 13.14 15.96
N ASN A 480 -3.77 12.31 15.33
CA ASN A 480 -5.20 12.41 15.57
C ASN A 480 -5.55 12.06 17.00
N PHE A 481 -4.88 11.06 17.57
CA PHE A 481 -5.09 10.73 18.97
C PHE A 481 -4.76 11.90 19.88
N ALA A 482 -3.62 12.55 19.60
CA ALA A 482 -3.21 13.69 20.42
C ALA A 482 -4.21 14.83 20.30
N LEU A 483 -4.70 15.07 19.08
CA LEU A 483 -5.67 16.16 18.90
C LEU A 483 -7.00 15.84 19.58
N LEU A 484 -7.44 14.58 19.51
CA LEU A 484 -8.71 14.19 20.12
C LEU A 484 -8.61 13.99 21.62
N GLY A 485 -7.41 13.96 22.18
CA GLY A 485 -7.27 13.72 23.60
C GLY A 485 -7.43 12.29 24.01
N VAL A 486 -7.17 11.34 23.11
CA VAL A 486 -7.33 9.93 23.44
C VAL A 486 -6.27 9.52 24.45
N GLY A 487 -6.70 8.92 25.55
CA GLY A 487 -5.78 8.42 26.55
C GLY A 487 -5.16 9.48 27.43
N THR A 488 -5.60 10.73 27.35
CA THR A 488 -5.03 11.78 28.17
C THR A 488 -5.50 11.73 29.61
N SER A 489 -6.52 10.93 29.92
CA SER A 489 -6.99 10.83 31.29
C SER A 489 -5.93 10.18 32.18
N LYS A 490 -5.85 10.66 33.42
CA LYS A 490 -4.88 10.14 34.36
C LYS A 490 -5.33 8.85 35.03
N GLU A 491 -6.55 8.41 34.77
CA GLU A 491 -7.13 7.25 35.46
C GLU A 491 -6.95 5.96 34.67
N LYS A 492 -7.42 5.94 33.43
CA LYS A 492 -7.48 4.70 32.66
C LYS A 492 -6.85 4.78 31.29
N GLY A 493 -6.79 5.96 30.68
CA GLY A 493 -6.30 6.05 29.31
C GLY A 493 -4.86 5.57 29.19
N MET A 494 -4.57 4.89 28.10
CA MET A 494 -3.24 4.38 27.80
C MET A 494 -3.20 3.98 26.34
N ILE A 495 -2.13 4.37 25.66
CA ILE A 495 -1.93 4.05 24.25
C ILE A 495 -0.67 3.22 24.12
N THR A 496 -0.77 2.07 23.48
CA THR A 496 0.37 1.20 23.25
C THR A 496 0.63 1.13 21.74
N VAL A 497 1.83 1.52 21.33
CA VAL A 497 2.22 1.49 19.93
C VAL A 497 3.51 0.69 19.82
N THR A 498 3.53 -0.26 18.89
CA THR A 498 4.67 -1.16 18.77
C THR A 498 5.14 -1.21 17.32
N ASP A 499 6.46 -1.22 17.15
CA ASP A 499 7.06 -1.23 15.82
C ASP A 499 8.54 -1.57 15.92
N PRO A 500 9.02 -2.52 15.12
CA PRO A 500 10.44 -2.90 15.19
C PRO A 500 11.37 -2.19 14.22
N ASP A 501 10.84 -1.52 13.20
CA ASP A 501 11.68 -0.92 12.17
C ASP A 501 12.42 0.30 12.71
N LEU A 502 13.35 0.80 11.91
CA LEU A 502 14.11 2.00 12.21
C LEU A 502 13.84 3.06 11.15
N ILE A 503 13.99 4.33 11.54
CA ILE A 503 13.70 5.42 10.63
C ILE A 503 14.74 5.47 9.52
N GLU A 504 14.28 5.63 8.29
CA GLU A 504 15.16 5.84 7.15
C GLU A 504 14.80 7.16 6.48
N LYS A 505 15.69 7.61 5.60
CA LYS A 505 15.50 8.91 4.97
C LYS A 505 14.25 8.92 4.09
N SER A 506 14.00 7.83 3.38
CA SER A 506 12.82 7.76 2.53
C SER A 506 11.53 7.82 3.32
N ASN A 507 11.57 7.53 4.62
CA ASN A 507 10.39 7.60 5.45
C ASN A 507 10.03 9.03 5.84
N LEU A 508 10.96 9.97 5.72
CA LEU A 508 10.67 11.35 6.08
C LEU A 508 9.68 12.01 5.13
N ASN A 509 9.47 11.43 3.94
CA ASN A 509 8.57 12.03 2.98
C ASN A 509 7.12 11.92 3.41
N ARG A 510 6.76 10.85 4.12
CA ARG A 510 5.38 10.59 4.49
C ARG A 510 5.11 10.69 5.97
N GLN A 511 6.03 10.25 6.82
CA GLN A 511 5.85 10.28 8.26
C GLN A 511 6.34 11.61 8.77
N PHE A 512 5.41 12.53 9.05
CA PHE A 512 5.78 13.89 9.40
C PHE A 512 6.28 14.03 10.83
N LEU A 513 6.10 13.02 11.67
CA LEU A 513 6.57 13.10 13.05
C LEU A 513 8.08 12.96 13.17
N PHE A 514 8.78 12.61 12.09
CA PHE A 514 10.20 12.32 12.15
C PHE A 514 11.00 13.45 11.50
N ARG A 515 12.28 13.51 11.86
CA ARG A 515 13.19 14.55 11.44
C ARG A 515 14.47 13.92 10.92
N PRO A 516 15.26 14.65 10.13
CA PRO A 516 16.51 14.07 9.62
C PRO A 516 17.46 13.59 10.70
N HIS A 517 17.48 14.24 11.86
CA HIS A 517 18.36 13.79 12.93
C HIS A 517 17.83 12.56 13.67
N HIS A 518 16.63 12.09 13.31
CA HIS A 518 16.05 10.90 13.91
C HIS A 518 16.37 9.62 13.13
N ILE A 519 17.18 9.72 12.07
CA ILE A 519 17.48 8.55 11.26
C ILE A 519 18.21 7.51 12.09
N GLN A 520 17.93 6.23 11.81
CA GLN A 520 18.54 5.09 12.48
C GLN A 520 18.19 5.05 13.97
N LYS A 521 16.95 5.43 14.29
CA LYS A 521 16.41 5.34 15.63
C LYS A 521 15.08 4.61 15.60
N PRO A 522 14.66 4.01 16.71
CA PRO A 522 13.37 3.30 16.72
C PRO A 522 12.23 4.24 16.37
N LYS A 523 11.28 3.72 15.59
CA LYS A 523 10.15 4.54 15.18
C LYS A 523 9.23 4.85 16.36
N SER A 524 8.94 3.86 17.19
CA SER A 524 7.95 4.05 18.24
C SER A 524 8.42 5.08 19.26
N TYR A 525 9.69 5.03 19.65
CA TYR A 525 10.20 5.98 20.63
C TYR A 525 10.14 7.41 20.11
N THR A 526 10.58 7.62 18.87
CA THR A 526 10.54 8.95 18.29
C THR A 526 9.10 9.45 18.16
N ALA A 527 8.20 8.58 17.70
CA ALA A 527 6.82 8.99 17.55
C ALA A 527 6.20 9.35 18.90
N ALA A 528 6.51 8.58 19.93
CA ALA A 528 6.02 8.90 21.26
C ALA A 528 6.57 10.23 21.76
N ASP A 529 7.86 10.48 21.52
CA ASP A 529 8.46 11.74 21.96
C ASP A 529 7.80 12.92 21.24
N ALA A 530 7.52 12.78 19.95
CA ALA A 530 6.88 13.87 19.21
C ALA A 530 5.43 14.06 19.64
N THR A 531 4.71 12.96 19.88
CA THR A 531 3.32 13.07 20.30
C THR A 531 3.20 13.69 21.69
N LEU A 532 4.16 13.39 22.56
CA LEU A 532 4.16 14.05 23.86
C LEU A 532 4.35 15.56 23.72
N LYS A 533 5.12 16.00 22.72
CA LYS A 533 5.22 17.42 22.44
C LYS A 533 3.89 17.97 21.95
N ILE A 534 3.18 17.19 21.11
CA ILE A 534 1.91 17.69 20.57
C ILE A 534 0.90 17.91 21.69
N ASN A 535 0.79 16.95 22.60
CA ASN A 535 -0.15 17.02 23.72
C ASN A 535 0.55 16.49 24.95
N SER A 536 0.87 17.38 25.89
CA SER A 536 1.65 16.99 27.06
C SER A 536 0.89 16.06 27.99
N GLN A 537 -0.45 16.05 27.91
CA GLN A 537 -1.23 15.24 28.83
C GLN A 537 -1.37 13.79 28.39
N ILE A 538 -0.95 13.45 27.17
CA ILE A 538 -1.21 12.12 26.64
C ILE A 538 -0.35 11.09 27.36
N LYS A 539 -0.88 9.88 27.45
CA LYS A 539 -0.16 8.74 28.02
C LYS A 539 0.13 7.76 26.90
N ILE A 540 1.41 7.47 26.68
CA ILE A 540 1.82 6.58 25.61
C ILE A 540 2.86 5.61 26.14
N ASP A 541 2.96 4.45 25.51
CA ASP A 541 3.85 3.38 25.94
C ASP A 541 4.38 2.68 24.68
N ALA A 542 5.55 3.11 24.23
CA ALA A 542 6.11 2.58 22.99
C ALA A 542 6.69 1.19 23.21
N HIS A 543 6.74 0.42 22.13
CA HIS A 543 7.31 -0.92 22.14
C HIS A 543 8.07 -1.15 20.84
N LEU A 544 9.01 -2.08 20.90
CA LEU A 544 9.82 -2.45 19.75
C LEU A 544 9.50 -3.84 19.23
N ASN A 545 8.68 -4.61 19.94
CA ASN A 545 8.40 -5.98 19.55
C ASN A 545 7.62 -6.03 18.25
N LYS A 546 7.95 -7.01 17.41
CA LYS A 546 7.18 -7.27 16.20
C LYS A 546 5.99 -8.16 16.55
N VAL A 547 4.82 -7.79 16.05
CA VAL A 547 3.61 -8.56 16.33
C VAL A 547 3.61 -9.84 15.52
N CYS A 548 3.92 -10.95 16.17
CA CYS A 548 4.02 -12.25 15.51
C CYS A 548 3.85 -13.32 16.58
N PRO A 549 3.55 -14.56 16.19
CA PRO A 549 3.32 -15.60 17.21
C PRO A 549 4.48 -15.79 18.16
N THR A 550 5.71 -15.48 17.73
CA THR A 550 6.85 -15.63 18.63
C THR A 550 6.76 -14.70 19.82
N THR A 551 6.12 -13.54 19.65
CA THR A 551 5.95 -12.57 20.72
C THR A 551 4.57 -12.64 21.36
N GLU A 552 3.81 -13.69 21.08
CA GLU A 552 2.46 -13.81 21.62
C GLU A 552 2.45 -13.89 23.13
N THR A 553 3.56 -14.30 23.76
CA THR A 553 3.61 -14.35 25.22
C THR A 553 3.42 -12.97 25.83
N ILE A 554 4.05 -11.94 25.26
CA ILE A 554 3.88 -10.59 25.75
C ILE A 554 2.46 -10.10 25.49
N TYR A 555 1.97 -10.32 24.28
CA TYR A 555 0.62 -9.88 23.90
C TYR A 555 -0.36 -11.04 24.09
N ASN A 556 -0.49 -11.45 25.34
CA ASN A 556 -1.34 -12.59 25.68
C ASN A 556 -2.81 -12.18 25.59
N ASP A 557 -3.69 -13.12 25.94
CA ASP A 557 -5.12 -12.87 25.88
C ASP A 557 -5.53 -11.76 26.86
N GLU A 558 -4.92 -11.74 28.04
CA GLU A 558 -5.26 -10.72 29.02
C GLU A 558 -4.94 -9.32 28.51
N PHE A 559 -3.81 -9.18 27.82
CA PHE A 559 -3.43 -7.88 27.29
C PHE A 559 -4.47 -7.39 26.28
N TYR A 560 -4.93 -8.26 25.39
CA TYR A 560 -5.98 -7.86 24.47
C TYR A 560 -7.29 -7.57 25.19
N THR A 561 -7.57 -8.30 26.27
CA THR A 561 -8.77 -8.02 27.05
C THR A 561 -8.71 -6.61 27.63
N LYS A 562 -7.53 -6.20 28.09
CA LYS A 562 -7.39 -4.84 28.62
C LYS A 562 -7.64 -3.80 27.54
N GLN A 563 -7.19 -4.05 26.32
CA GLN A 563 -7.38 -3.10 25.24
C GLN A 563 -8.84 -2.96 24.89
N ASP A 564 -9.19 -1.78 24.37
CA ASP A 564 -10.54 -1.48 23.92
C ASP A 564 -10.68 -1.43 22.41
N VAL A 565 -9.69 -0.88 21.71
CA VAL A 565 -9.69 -0.81 20.26
C VAL A 565 -8.31 -1.17 19.75
N ILE A 566 -8.25 -1.96 18.69
CA ILE A 566 -6.99 -2.35 18.05
C ILE A 566 -6.99 -1.77 16.65
N ILE A 567 -5.94 -1.02 16.32
CA ILE A 567 -5.80 -0.37 15.02
C ILE A 567 -4.54 -0.88 14.36
N THR A 568 -4.64 -1.26 13.09
CA THR A 568 -3.53 -1.81 12.35
C THR A 568 -3.04 -0.80 11.32
N ALA A 569 -1.73 -0.55 11.31
CA ALA A 569 -1.07 0.26 10.29
C ALA A 569 -0.03 -0.57 9.55
N LEU A 570 -0.31 -1.85 9.36
CA LEU A 570 0.63 -2.78 8.76
C LEU A 570 0.75 -2.57 7.26
N ASP A 571 1.75 -3.20 6.66
CA ASP A 571 1.96 -3.13 5.23
C ASP A 571 1.86 -4.47 4.52
N ASN A 572 1.84 -5.58 5.25
CA ASN A 572 1.74 -6.90 4.66
C ASN A 572 0.41 -7.54 5.03
N VAL A 573 0.22 -8.78 4.60
CA VAL A 573 -1.05 -9.47 4.74
C VAL A 573 -1.03 -10.48 5.88
N GLU A 574 0.08 -11.20 6.03
CA GLU A 574 0.14 -12.24 7.07
C GLU A 574 -0.02 -11.64 8.46
N ALA A 575 0.63 -10.50 8.70
CA ALA A 575 0.47 -9.84 9.98
C ALA A 575 -0.97 -9.38 10.20
N ARG A 576 -1.61 -8.89 9.13
CA ARG A 576 -3.01 -8.52 9.24
C ARG A 576 -3.88 -9.70 9.64
N ARG A 577 -3.66 -10.85 9.00
CA ARG A 577 -4.45 -12.03 9.32
C ARG A 577 -4.19 -12.50 10.74
N TYR A 578 -2.93 -12.47 11.18
CA TYR A 578 -2.62 -12.88 12.54
C TYR A 578 -3.27 -11.95 13.57
N VAL A 579 -3.18 -10.64 13.36
CA VAL A 579 -3.79 -9.70 14.29
C VAL A 579 -5.31 -9.87 14.30
N ASP A 580 -5.90 -10.08 13.13
CA ASP A 580 -7.35 -10.28 13.07
C ASP A 580 -7.76 -11.56 13.78
N SER A 581 -6.96 -12.62 13.65
CA SER A 581 -7.29 -13.86 14.35
C SER A 581 -7.21 -13.66 15.86
N ARG A 582 -6.20 -12.94 16.33
CA ARG A 582 -6.12 -12.65 17.76
C ARG A 582 -7.32 -11.84 18.23
N CYS A 583 -7.69 -10.81 17.46
CA CYS A 583 -8.84 -9.98 17.85
C CYS A 583 -10.12 -10.79 17.85
N LEU A 584 -10.28 -11.68 16.87
CA LEU A 584 -11.45 -12.53 16.82
C LEU A 584 -11.49 -13.47 18.01
N ALA A 585 -10.33 -13.99 18.42
CA ALA A 585 -10.27 -14.85 19.59
C ALA A 585 -10.65 -14.08 20.86
N ASN A 586 -10.17 -12.85 20.99
CA ASN A 586 -10.40 -12.08 22.21
C ASN A 586 -11.64 -11.21 22.15
N LEU A 587 -12.36 -11.20 21.03
CA LEU A 587 -13.58 -10.42 20.87
C LEU A 587 -13.34 -8.94 21.12
N ARG A 588 -12.49 -8.35 20.29
CA ARG A 588 -12.17 -6.94 20.39
C ARG A 588 -12.26 -6.27 19.02
N PRO A 589 -12.85 -5.09 18.94
CA PRO A 589 -12.98 -4.42 17.65
C PRO A 589 -11.63 -4.09 17.04
N LEU A 590 -11.56 -4.18 15.72
CA LEU A 590 -10.33 -3.97 14.98
C LEU A 590 -10.60 -3.05 13.80
N LEU A 591 -9.72 -2.07 13.61
CA LEU A 591 -9.81 -1.15 12.48
C LEU A 591 -8.60 -1.35 11.59
N ASP A 592 -8.84 -1.55 10.30
CA ASP A 592 -7.79 -1.85 9.34
C ASP A 592 -7.80 -0.81 8.23
N SER A 593 -6.61 -0.45 7.74
CA SER A 593 -6.51 0.51 6.65
C SER A 593 -5.23 0.25 5.88
N GLY A 594 -5.23 0.70 4.62
CA GLY A 594 -4.07 0.53 3.77
C GLY A 594 -4.13 1.42 2.54
N THR A 595 -2.97 1.80 2.02
CA THR A 595 -2.88 2.70 0.88
C THR A 595 -1.92 2.14 -0.15
N MET A 596 -2.34 2.13 -1.41
CA MET A 596 -1.48 1.78 -2.54
C MET A 596 -1.48 2.98 -3.48
N GLY A 597 -0.53 3.88 -3.30
CA GLY A 597 -0.50 5.09 -4.11
C GLY A 597 -1.70 5.95 -3.78
N THR A 598 -2.45 6.35 -4.81
CA THR A 598 -3.64 7.15 -4.61
C THR A 598 -4.82 6.34 -4.09
N LYS A 599 -4.72 5.01 -4.09
CA LYS A 599 -5.80 4.16 -3.61
C LYS A 599 -5.70 3.96 -2.11
N GLY A 600 -6.85 3.86 -1.46
CA GLY A 600 -6.89 3.62 -0.03
C GLY A 600 -8.18 2.93 0.34
N HIS A 601 -8.17 2.26 1.49
CA HIS A 601 -9.34 1.53 1.96
C HIS A 601 -9.30 1.41 3.47
N THR A 602 -10.48 1.46 4.06
CA THR A 602 -10.65 1.26 5.50
C THR A 602 -11.67 0.15 5.73
N GLU A 603 -11.39 -0.71 6.70
CA GLU A 603 -12.28 -1.80 7.06
C GLU A 603 -12.52 -1.76 8.56
N VAL A 604 -13.79 -1.82 8.95
CA VAL A 604 -14.19 -1.76 10.35
C VAL A 604 -14.71 -3.14 10.76
N ILE A 605 -14.14 -3.68 11.84
CA ILE A 605 -14.52 -4.98 12.36
C ILE A 605 -15.02 -4.80 13.78
N VAL A 606 -16.25 -5.23 14.04
CA VAL A 606 -16.87 -5.05 15.35
C VAL A 606 -17.34 -6.42 15.84
N PRO A 607 -17.13 -6.75 17.11
CA PRO A 607 -17.58 -8.06 17.61
C PRO A 607 -19.09 -8.20 17.50
N HIS A 608 -19.52 -9.41 17.12
CA HIS A 608 -20.91 -9.81 17.00
C HIS A 608 -21.68 -9.03 15.95
N LEU A 609 -21.01 -8.20 15.15
CA LEU A 609 -21.71 -7.41 14.16
C LEU A 609 -21.22 -7.59 12.75
N THR A 610 -19.91 -7.69 12.54
CA THR A 610 -19.34 -7.68 11.21
C THR A 610 -18.44 -8.89 11.00
N GLU A 611 -18.22 -9.23 9.74
CA GLU A 611 -17.29 -10.30 9.38
C GLU A 611 -15.86 -9.86 9.64
N SER A 612 -15.00 -10.85 9.92
CA SER A 612 -13.61 -10.58 10.22
C SER A 612 -12.80 -10.50 8.93
N TYR A 613 -11.53 -10.09 9.07
CA TYR A 613 -10.65 -9.98 7.92
C TYR A 613 -10.39 -11.34 7.30
N ASN A 614 -10.24 -12.38 8.12
CA ASN A 614 -10.01 -13.72 7.59
C ASN A 614 -11.20 -14.23 6.79
N SER A 615 -12.41 -13.77 7.12
CA SER A 615 -13.57 -14.16 6.34
C SER A 615 -13.54 -13.59 4.93
N HIS A 616 -12.72 -12.58 4.69
CA HIS A 616 -12.52 -12.00 3.37
C HIS A 616 -11.21 -12.54 2.81
N ARG A 617 -11.29 -13.25 1.69
CA ARG A 617 -10.16 -13.92 1.08
C ARG A 617 -10.02 -13.47 -0.36
N ASP A 618 -8.96 -12.71 -0.66
CA ASP A 618 -8.66 -12.31 -2.01
C ASP A 618 -7.97 -13.44 -2.77
N PRO A 619 -8.02 -13.41 -4.10
CA PRO A 619 -7.26 -14.39 -4.88
C PRO A 619 -5.78 -14.25 -4.59
N PRO A 620 -5.03 -15.36 -4.65
CA PRO A 620 -3.61 -15.30 -4.31
C PRO A 620 -2.82 -14.49 -5.32
N GLU A 621 -1.54 -14.28 -5.01
CA GLU A 621 -0.66 -13.52 -5.88
C GLU A 621 -0.46 -14.26 -7.19
N GLU A 622 -0.16 -13.51 -8.25
CA GLU A 622 0.02 -14.07 -9.58
C GLU A 622 1.40 -14.71 -9.67
N GLU A 623 1.43 -16.04 -9.62
CA GLU A 623 2.67 -16.79 -9.70
C GLU A 623 3.15 -16.82 -11.15
N ILE A 624 4.36 -16.35 -11.39
CA ILE A 624 4.93 -16.44 -12.74
C ILE A 624 5.27 -17.90 -13.04
N PRO A 625 4.84 -18.44 -14.17
CA PRO A 625 5.17 -19.84 -14.48
C PRO A 625 6.66 -20.06 -14.53
N PHE A 626 7.09 -21.22 -14.03
CA PHE A 626 8.52 -21.51 -13.94
C PHE A 626 9.17 -21.52 -15.32
N SER A 627 8.50 -22.13 -16.30
CA SER A 627 9.05 -22.17 -17.65
C SER A 627 9.16 -20.76 -18.23
N THR A 628 8.16 -19.92 -17.99
CA THR A 628 8.20 -18.56 -18.50
C THR A 628 9.36 -17.78 -17.89
N LEU A 629 9.52 -17.87 -16.57
CA LEU A 629 10.59 -17.13 -15.91
C LEU A 629 11.96 -17.63 -16.32
N LYS A 630 12.12 -18.96 -16.43
CA LYS A 630 13.44 -19.52 -16.66
C LYS A 630 13.90 -19.32 -18.10
N SER A 631 13.01 -19.54 -19.06
CA SER A 631 13.47 -19.66 -20.45
C SER A 631 12.70 -18.80 -21.44
N PHE A 632 11.45 -18.48 -21.17
CA PHE A 632 10.58 -17.80 -22.14
C PHE A 632 9.93 -16.58 -21.50
N PRO A 633 10.67 -15.50 -21.31
CA PRO A 633 10.07 -14.26 -20.82
C PRO A 633 9.28 -13.56 -21.92
N ALA A 634 8.34 -12.72 -21.49
CA ALA A 634 7.52 -11.95 -22.41
C ALA A 634 7.37 -10.49 -22.03
N ALA A 635 7.76 -10.08 -20.83
CA ALA A 635 7.64 -8.70 -20.41
C ALA A 635 8.82 -8.36 -19.52
N ILE A 636 9.05 -7.06 -19.35
CA ILE A 636 10.21 -6.60 -18.57
C ILE A 636 10.12 -7.08 -17.13
N GLU A 637 8.90 -7.31 -16.64
CA GLU A 637 8.75 -7.82 -15.28
C GLU A 637 9.38 -9.19 -15.13
N HIS A 638 9.25 -10.04 -16.16
CA HIS A 638 9.86 -11.36 -16.11
C HIS A 638 11.37 -11.28 -16.01
N THR A 639 11.99 -10.41 -16.82
CA THR A 639 13.44 -10.28 -16.77
C THR A 639 13.89 -9.69 -15.44
N ILE A 640 13.15 -8.73 -14.91
CA ILE A 640 13.51 -8.15 -13.62
C ILE A 640 13.43 -9.21 -12.52
N GLN A 641 12.38 -10.01 -12.53
CA GLN A 641 12.26 -11.08 -11.54
C GLN A 641 13.37 -12.10 -11.70
N TRP A 642 13.73 -12.42 -12.94
CA TRP A 642 14.83 -13.35 -13.16
C TRP A 642 16.13 -12.79 -12.63
N ALA A 643 16.39 -11.51 -12.87
CA ALA A 643 17.61 -10.90 -12.35
C ALA A 643 17.63 -10.90 -10.83
N ARG A 644 16.49 -10.61 -10.21
CA ARG A 644 16.40 -10.63 -8.76
C ARG A 644 16.69 -12.02 -8.21
N ASP A 645 16.09 -13.05 -8.81
CA ASP A 645 16.32 -14.40 -8.36
C ASP A 645 17.77 -14.82 -8.59
N LYS A 646 18.35 -14.42 -9.72
CA LYS A 646 19.74 -14.72 -9.98
C LYS A 646 20.65 -14.07 -8.94
N PHE A 647 20.37 -12.82 -8.60
CA PHE A 647 21.14 -12.15 -7.56
C PHE A 647 21.04 -12.90 -6.25
N GLU A 648 19.83 -13.26 -5.86
CA GLU A 648 19.63 -13.98 -4.60
C GLU A 648 20.39 -15.29 -4.61
N SER A 649 20.26 -16.08 -5.68
CA SER A 649 20.91 -17.37 -5.75
C SER A 649 22.44 -17.22 -5.74
N SER A 650 22.96 -16.24 -6.46
CA SER A 650 24.40 -16.13 -6.61
C SER A 650 25.09 -15.54 -5.38
N PHE A 651 24.43 -14.64 -4.65
CA PHE A 651 25.11 -13.94 -3.59
C PHE A 651 24.57 -14.21 -2.19
N SER A 652 23.38 -14.77 -2.05
CA SER A 652 22.84 -15.08 -0.73
C SER A 652 22.66 -16.57 -0.51
N HIS A 653 21.89 -17.23 -1.37
CA HIS A 653 21.57 -18.64 -1.14
C HIS A 653 22.81 -19.51 -1.28
N LYS A 654 23.55 -19.37 -2.37
CA LYS A 654 24.73 -20.21 -2.59
C LYS A 654 25.82 -19.99 -1.55
N PRO A 655 26.19 -18.75 -1.20
CA PRO A 655 27.16 -18.59 -0.11
C PRO A 655 26.67 -19.15 1.22
N SER A 656 25.37 -19.05 1.49
CA SER A 656 24.84 -19.65 2.72
C SER A 656 25.02 -21.16 2.70
N LEU A 657 24.72 -21.79 1.56
CA LEU A 657 24.93 -23.23 1.45
C LEU A 657 26.40 -23.58 1.62
N PHE A 658 27.29 -22.77 1.03
CA PHE A 658 28.73 -23.02 1.14
C PHE A 658 29.18 -22.96 2.59
N ASN A 659 28.78 -21.91 3.30
CA ASN A 659 29.18 -21.76 4.70
C ASN A 659 28.59 -22.87 5.56
N LYS A 660 27.32 -23.21 5.33
CA LYS A 660 26.72 -24.29 6.12
C LYS A 660 27.42 -25.61 5.88
N PHE A 661 27.74 -25.90 4.63
CA PHE A 661 28.44 -27.15 4.31
C PHE A 661 29.81 -27.19 4.98
N TRP A 662 30.54 -26.08 4.94
CA TRP A 662 31.88 -26.11 5.51
C TRP A 662 31.90 -25.96 7.03
N GLN A 663 30.78 -25.57 7.64
CA GLN A 663 30.70 -25.64 9.08
C GLN A 663 30.18 -26.98 9.57
N THR A 664 29.42 -27.69 8.74
CA THR A 664 28.96 -29.03 9.13
C THR A 664 30.14 -29.99 9.26
N TYR A 665 31.11 -29.88 8.36
CA TYR A 665 32.24 -30.78 8.35
C TYR A 665 33.53 -30.02 8.64
N SER A 666 34.52 -30.76 9.14
CA SER A 666 35.74 -30.13 9.64
C SER A 666 36.50 -29.42 8.53
N SER A 667 36.79 -30.12 7.45
CA SER A 667 37.65 -29.58 6.40
C SER A 667 37.47 -30.41 5.14
N ALA A 668 38.23 -30.05 4.11
CA ALA A 668 38.11 -30.73 2.82
C ALA A 668 38.66 -32.15 2.87
N GLU A 669 39.65 -32.40 3.74
CA GLU A 669 40.22 -33.75 3.83
C GLU A 669 39.19 -34.76 4.27
N GLU A 670 38.39 -34.42 5.28
CA GLU A 670 37.34 -35.33 5.75
C GLU A 670 36.30 -35.58 4.67
N VAL A 671 35.92 -34.52 3.96
CA VAL A 671 34.93 -34.67 2.88
C VAL A 671 35.48 -35.57 1.78
N LEU A 672 36.75 -35.37 1.41
CA LEU A 672 37.36 -36.21 0.39
C LEU A 672 37.41 -37.66 0.83
N GLN A 673 37.77 -37.90 2.09
CA GLN A 673 37.83 -39.26 2.59
C GLN A 673 36.44 -39.91 2.58
N LYS A 674 35.41 -39.16 2.97
CA LYS A 674 34.06 -39.70 2.93
C LYS A 674 33.61 -40.01 1.51
N ILE A 675 33.93 -39.12 0.57
CA ILE A 675 33.54 -39.35 -0.82
C ILE A 675 34.25 -40.58 -1.38
N GLN A 676 35.54 -40.72 -1.09
CA GLN A 676 36.30 -41.88 -1.55
C GLN A 676 35.74 -43.18 -0.97
N SER A 677 35.08 -43.12 0.19
CA SER A 677 34.43 -44.28 0.76
C SER A 677 32.97 -44.42 0.32
N GLY A 678 32.51 -43.59 -0.60
CA GLY A 678 31.18 -43.70 -1.16
C GLY A 678 30.10 -42.94 -0.42
N HIS A 679 30.44 -42.19 0.61
CA HIS A 679 29.45 -41.41 1.33
C HIS A 679 28.89 -40.30 0.44
N SER A 680 27.60 -40.04 0.59
CA SER A 680 26.91 -38.99 -0.16
C SER A 680 26.59 -37.84 0.78
N LEU A 681 26.91 -36.62 0.34
CA LEU A 681 26.67 -35.42 1.12
C LEU A 681 25.78 -34.47 0.34
N GLU A 682 24.94 -33.73 1.07
CA GLU A 682 23.97 -32.85 0.45
C GLU A 682 24.68 -31.68 -0.22
N GLY A 683 24.47 -31.53 -1.53
CA GLY A 683 25.03 -30.41 -2.26
C GLY A 683 26.55 -30.37 -2.26
N CYS A 684 27.20 -31.50 -2.03
CA CYS A 684 28.66 -31.51 -1.95
C CYS A 684 29.30 -31.12 -3.27
N PHE A 685 28.76 -31.62 -4.39
CA PHE A 685 29.36 -31.34 -5.69
C PHE A 685 29.29 -29.85 -6.02
N GLN A 686 28.18 -29.20 -5.71
CA GLN A 686 28.07 -27.77 -5.98
C GLN A 686 29.09 -26.99 -5.17
N VAL A 687 29.29 -27.36 -3.91
CA VAL A 687 30.29 -26.70 -3.08
C VAL A 687 31.68 -26.92 -3.65
N ILE A 688 31.97 -28.14 -4.11
CA ILE A 688 33.27 -28.42 -4.71
C ILE A 688 33.49 -27.55 -5.94
N LYS A 689 32.45 -27.45 -6.79
CA LYS A 689 32.56 -26.60 -7.98
C LYS A 689 32.81 -25.15 -7.59
N LEU A 690 32.12 -24.66 -6.57
CA LEU A 690 32.34 -23.28 -6.12
C LEU A 690 33.76 -23.09 -5.64
N LEU A 691 34.30 -24.05 -4.91
CA LEU A 691 35.66 -23.91 -4.39
C LEU A 691 36.67 -23.83 -5.52
N SER A 692 36.52 -24.66 -6.55
CA SER A 692 37.48 -24.71 -7.64
C SER A 692 37.46 -23.42 -8.47
N ARG A 693 36.44 -22.59 -8.33
CA ARG A 693 36.33 -21.36 -9.10
C ARG A 693 36.47 -20.11 -8.24
N ARG A 694 37.06 -20.24 -7.05
CA ARG A 694 37.18 -19.10 -6.17
C ARG A 694 38.24 -18.13 -6.68
N PRO A 695 37.89 -16.88 -6.97
CA PRO A 695 38.91 -15.92 -7.41
C PRO A 695 39.89 -15.61 -6.30
N ARG A 696 41.12 -15.28 -6.70
CA ARG A 696 42.17 -14.95 -5.75
C ARG A 696 42.59 -13.49 -5.77
N ASN A 697 42.25 -12.75 -6.82
CA ASN A 697 42.60 -11.34 -6.91
C ASN A 697 41.55 -10.63 -7.74
N TRP A 698 41.74 -9.32 -7.93
CA TRP A 698 40.77 -8.53 -8.67
C TRP A 698 40.67 -8.98 -10.12
N SER A 699 41.80 -9.33 -10.73
CA SER A 699 41.79 -9.78 -12.12
C SER A 699 40.95 -11.03 -12.28
N GLN A 700 41.08 -11.99 -11.36
CA GLN A 700 40.29 -13.21 -11.44
C GLN A 700 38.81 -12.91 -11.23
N CYS A 701 38.48 -11.96 -10.35
CA CYS A 701 37.09 -11.56 -10.20
C CYS A 701 36.53 -10.99 -11.49
N VAL A 702 37.31 -10.15 -12.17
CA VAL A 702 36.86 -9.58 -13.43
C VAL A 702 36.68 -10.68 -14.48
N GLU A 703 37.62 -11.62 -14.51
CA GLU A 703 37.49 -12.74 -15.45
C GLU A 703 36.25 -13.57 -15.16
N LEU A 704 35.96 -13.81 -13.88
CA LEU A 704 34.77 -14.56 -13.52
C LEU A 704 33.50 -13.81 -13.93
N ALA A 705 33.49 -12.49 -13.73
CA ALA A 705 32.35 -11.70 -14.17
C ALA A 705 32.17 -11.77 -15.68
N ARG A 706 33.28 -11.73 -16.43
CA ARG A 706 33.21 -11.85 -17.87
C ARG A 706 32.63 -13.19 -18.28
N LEU A 707 33.09 -14.28 -17.64
CA LEU A 707 32.57 -15.60 -17.95
C LEU A 707 31.10 -15.71 -17.60
N LYS A 708 30.69 -15.13 -16.48
CA LYS A 708 29.28 -15.16 -16.11
C LYS A 708 28.44 -14.40 -17.13
N PHE A 709 28.94 -13.26 -17.60
CA PHE A 709 28.25 -12.52 -18.64
C PHE A 709 28.08 -13.37 -19.89
N GLU A 710 29.17 -14.04 -20.30
CA GLU A 710 29.09 -14.87 -21.50
C GLU A 710 28.08 -15.99 -21.32
N LYS A 711 28.10 -16.65 -20.18
CA LYS A 711 27.16 -17.75 -19.93
C LYS A 711 25.72 -17.25 -19.92
N TYR A 712 25.48 -16.10 -19.28
CA TYR A 712 24.10 -15.62 -19.13
C TYR A 712 23.53 -15.14 -20.44
N PHE A 713 24.30 -14.37 -21.22
CA PHE A 713 23.72 -13.66 -22.35
C PHE A 713 24.24 -14.09 -23.71
N ASN A 714 25.13 -15.07 -23.78
CA ASN A 714 25.57 -15.62 -25.06
C ASN A 714 25.32 -17.10 -25.18
N HIS A 715 25.70 -17.88 -24.18
CA HIS A 715 25.55 -19.33 -24.27
C HIS A 715 24.10 -19.75 -24.08
N LYS A 716 23.35 -19.06 -23.23
CA LYS A 716 21.97 -19.46 -22.99
C LYS A 716 21.13 -19.33 -24.26
N ALA A 717 21.29 -18.22 -24.99
CA ALA A 717 20.52 -18.04 -26.21
C ALA A 717 20.87 -19.09 -27.25
N LEU A 718 22.16 -19.37 -27.42
CA LEU A 718 22.56 -20.39 -28.39
C LEU A 718 22.03 -21.76 -28.00
N GLN A 719 22.10 -22.09 -26.70
CA GLN A 719 21.57 -23.37 -26.24
C GLN A 719 20.08 -23.47 -26.50
N LEU A 720 19.34 -22.41 -26.22
CA LEU A 720 17.90 -22.44 -26.43
C LEU A 720 17.57 -22.58 -27.91
N LEU A 721 18.28 -21.85 -28.76
CA LEU A 721 18.05 -21.97 -30.20
C LEU A 721 18.39 -23.37 -30.71
N HIS A 722 19.45 -23.97 -30.16
CA HIS A 722 19.80 -25.33 -30.55
C HIS A 722 18.71 -26.31 -30.14
N CYS A 723 18.15 -26.14 -28.94
CA CYS A 723 17.07 -27.01 -28.51
C CYS A 723 15.83 -26.82 -29.37
N PHE A 724 15.51 -25.58 -29.73
CA PHE A 724 14.34 -25.26 -30.54
C PHE A 724 14.73 -24.25 -31.60
N PRO A 725 14.90 -24.69 -32.85
CA PRO A 725 15.29 -23.77 -33.91
C PRO A 725 14.23 -22.72 -34.16
N LEU A 726 14.63 -21.65 -34.84
CA LEU A 726 13.71 -20.55 -35.10
C LEU A 726 12.51 -21.00 -35.93
N ASP A 727 12.71 -21.95 -36.84
CA ASP A 727 11.67 -22.36 -37.78
C ASP A 727 10.99 -23.67 -37.39
N ILE A 728 11.24 -24.18 -36.18
CA ILE A 728 10.60 -25.42 -35.78
C ILE A 728 9.11 -25.17 -35.56
N ARG A 729 8.31 -26.21 -35.77
CA ARG A 729 6.86 -26.11 -35.68
C ARG A 729 6.31 -27.28 -34.88
N LEU A 730 5.12 -27.08 -34.31
CA LEU A 730 4.47 -28.10 -33.52
C LEU A 730 3.71 -29.06 -34.43
N LYS A 731 2.91 -29.95 -33.82
CA LYS A 731 2.14 -30.91 -34.60
C LYS A 731 1.10 -30.22 -35.48
N ASP A 732 0.54 -29.11 -35.01
CA ASP A 732 -0.46 -28.39 -35.78
C ASP A 732 0.14 -27.57 -36.91
N GLY A 733 1.47 -27.48 -36.99
CA GLY A 733 2.11 -26.69 -38.02
C GLY A 733 2.36 -25.25 -37.64
N SER A 734 1.92 -24.82 -36.47
CA SER A 734 2.19 -23.46 -36.02
C SER A 734 3.63 -23.34 -35.55
N LEU A 735 4.22 -22.17 -35.78
CA LEU A 735 5.58 -21.91 -35.33
C LEU A 735 5.65 -21.98 -33.81
N PHE A 736 6.64 -22.69 -33.30
CA PHE A 736 6.85 -22.76 -31.85
C PHE A 736 7.21 -21.40 -31.29
N TRP A 737 8.04 -20.64 -32.02
CA TRP A 737 8.43 -19.31 -31.58
C TRP A 737 7.36 -18.30 -32.01
N GLN A 738 6.20 -18.43 -31.38
CA GLN A 738 5.08 -17.52 -31.58
C GLN A 738 4.75 -16.85 -30.25
N SER A 739 3.87 -15.86 -30.32
CA SER A 739 3.50 -15.13 -29.12
C SER A 739 2.82 -16.07 -28.12
N PRO A 740 3.02 -15.89 -26.82
CA PRO A 740 3.83 -14.84 -26.18
C PRO A 740 5.31 -15.19 -26.07
N LYS A 741 5.72 -16.36 -26.55
CA LYS A 741 7.14 -16.70 -26.52
C LYS A 741 7.93 -15.85 -27.49
N ARG A 742 9.15 -15.49 -27.10
CA ARG A 742 9.99 -14.65 -27.93
C ARG A 742 11.33 -15.34 -28.18
N PRO A 743 11.82 -15.30 -29.42
CA PRO A 743 13.08 -15.98 -29.72
C PRO A 743 14.27 -15.16 -29.26
N PRO A 744 15.17 -15.78 -28.48
CA PRO A 744 16.36 -15.04 -28.02
C PRO A 744 17.37 -14.87 -29.14
N SER A 745 18.27 -13.92 -28.93
CA SER A 745 19.37 -13.65 -29.85
C SER A 745 20.62 -13.42 -29.01
N PRO A 746 21.74 -14.03 -29.39
CA PRO A 746 22.97 -13.86 -28.60
C PRO A 746 23.46 -12.42 -28.64
N ILE A 747 24.16 -12.03 -27.56
CA ILE A 747 24.69 -10.70 -27.40
C ILE A 747 26.21 -10.78 -27.38
N LYS A 748 26.86 -10.01 -28.24
CA LYS A 748 28.31 -9.96 -28.30
C LYS A 748 28.83 -8.95 -27.29
N PHE A 749 29.79 -9.38 -26.48
CA PHE A 749 30.35 -8.50 -25.46
C PHE A 749 31.10 -7.34 -26.10
N ASP A 750 30.95 -6.15 -25.53
CA ASP A 750 31.65 -4.97 -26.02
C ASP A 750 31.80 -4.01 -24.85
N LEU A 751 33.04 -3.75 -24.45
CA LEU A 751 33.29 -2.90 -23.29
C LEU A 751 32.86 -1.46 -23.53
N ASN A 752 32.77 -1.02 -24.80
CA ASN A 752 32.38 0.35 -25.07
C ASN A 752 30.91 0.59 -24.75
N GLU A 753 30.09 -0.45 -24.85
CA GLU A 753 28.67 -0.29 -24.53
C GLU A 753 28.49 0.02 -23.06
N PRO A 754 27.77 1.09 -22.70
CA PRO A 754 27.62 1.43 -21.29
C PRO A 754 26.97 0.33 -20.47
N LEU A 755 26.01 -0.39 -21.06
CA LEU A 755 25.34 -1.46 -20.33
C LEU A 755 26.30 -2.58 -19.96
N HIS A 756 27.13 -2.99 -20.92
CA HIS A 756 28.10 -4.06 -20.65
C HIS A 756 29.09 -3.63 -19.58
N LEU A 757 29.58 -2.40 -19.66
CA LEU A 757 30.53 -1.91 -18.66
C LEU A 757 29.88 -1.87 -17.29
N SER A 758 28.63 -1.39 -17.20
CA SER A 758 27.95 -1.33 -15.92
C SER A 758 27.76 -2.72 -15.33
N PHE A 759 27.34 -3.68 -16.15
CA PHE A 759 27.18 -5.03 -15.65
C PHE A 759 28.51 -5.60 -15.18
N LEU A 760 29.56 -5.39 -15.95
CA LEU A 760 30.87 -5.92 -15.57
C LEU A 760 31.33 -5.33 -14.25
N GLN A 761 31.19 -4.02 -14.09
CA GLN A 761 31.60 -3.36 -12.86
C GLN A 761 30.81 -3.89 -11.67
N ASN A 762 29.49 -3.97 -11.79
CA ASN A 762 28.68 -4.40 -10.67
C ASN A 762 28.95 -5.86 -10.31
N ALA A 763 29.05 -6.73 -11.32
CA ALA A 763 29.33 -8.13 -11.04
C ALA A 763 30.70 -8.30 -10.40
N ALA A 764 31.71 -7.56 -10.89
CA ALA A 764 33.03 -7.67 -10.29
C ALA A 764 33.02 -7.20 -8.85
N LYS A 765 32.34 -6.08 -8.57
CA LYS A 765 32.29 -5.59 -7.19
C LYS A 765 31.58 -6.57 -6.28
N LEU A 766 30.45 -7.13 -6.74
CA LEU A 766 29.72 -8.07 -5.89
C LEU A 766 30.52 -9.33 -5.64
N TYR A 767 31.18 -9.86 -6.67
CA TYR A 767 31.97 -11.07 -6.48
C TYR A 767 33.16 -10.81 -5.57
N ALA A 768 33.80 -9.65 -5.71
CA ALA A 768 34.90 -9.32 -4.80
C ALA A 768 34.40 -9.21 -3.36
N THR A 769 33.22 -8.62 -3.17
CA THR A 769 32.66 -8.51 -1.82
C THR A 769 32.36 -9.88 -1.25
N VAL A 770 31.79 -10.78 -2.05
CA VAL A 770 31.45 -12.10 -1.55
C VAL A 770 32.70 -12.88 -1.16
N TYR A 771 33.71 -12.85 -2.01
CA TYR A 771 34.94 -13.62 -1.78
C TYR A 771 35.97 -12.86 -0.98
N CYS A 772 35.64 -11.66 -0.48
CA CYS A 772 36.53 -10.89 0.37
C CYS A 772 37.84 -10.55 -0.35
N ILE A 773 37.70 -9.88 -1.48
CA ILE A 773 38.82 -9.44 -2.29
C ILE A 773 38.85 -7.92 -2.27
N PRO A 774 39.87 -7.28 -1.73
CA PRO A 774 39.92 -5.81 -1.71
C PRO A 774 40.06 -5.23 -3.11
N PHE A 775 39.53 -4.03 -3.28
CA PHE A 775 39.59 -3.34 -4.57
C PHE A 775 39.45 -1.84 -4.33
N ALA A 776 39.79 -1.06 -5.35
CA ALA A 776 39.68 0.39 -5.31
C ALA A 776 38.95 0.88 -6.55
N GLU A 777 38.51 2.14 -6.49
CA GLU A 777 37.74 2.70 -7.60
C GLU A 777 38.54 2.74 -8.89
N GLU A 778 39.87 2.88 -8.79
CA GLU A 778 40.70 2.86 -9.98
C GLU A 778 40.58 1.54 -10.73
N ASP A 779 40.36 0.45 -10.00
CA ASP A 779 40.16 -0.85 -10.64
C ASP A 779 38.87 -0.89 -11.44
N LEU A 780 37.94 0.02 -11.19
CA LEU A 780 36.68 0.08 -11.91
C LEU A 780 36.76 0.88 -13.19
N SER A 781 37.90 1.50 -13.48
CA SER A 781 38.05 2.28 -14.69
C SER A 781 37.97 1.40 -15.92
N ALA A 782 37.48 1.98 -17.01
CA ALA A 782 37.33 1.22 -18.25
C ALA A 782 38.68 0.73 -18.76
N ASP A 783 39.71 1.57 -18.66
CA ASP A 783 41.03 1.19 -19.15
C ASP A 783 41.60 0.01 -18.37
N ALA A 784 41.46 0.04 -17.04
CA ALA A 784 41.98 -1.06 -16.23
C ALA A 784 41.27 -2.36 -16.55
N LEU A 785 39.95 -2.31 -16.71
CA LEU A 785 39.20 -3.50 -17.08
C LEU A 785 39.62 -4.01 -18.45
N LEU A 786 39.83 -3.09 -19.40
CA LEU A 786 40.26 -3.49 -20.73
C LEU A 786 41.62 -4.16 -20.69
N ASN A 787 42.54 -3.63 -19.88
CA ASN A 787 43.85 -4.24 -19.74
C ASN A 787 43.74 -5.66 -19.20
N ILE A 788 42.90 -5.86 -18.18
CA ILE A 788 42.71 -7.18 -17.62
C ILE A 788 42.08 -8.11 -18.66
N LEU A 789 41.07 -7.63 -19.37
CA LEU A 789 40.37 -8.46 -20.33
C LEU A 789 41.22 -8.80 -21.55
N SER A 790 42.33 -8.10 -21.77
CA SER A 790 43.17 -8.40 -22.92
C SER A 790 43.77 -9.79 -22.82
N GLU A 791 44.02 -10.28 -21.61
CA GLU A 791 44.59 -11.61 -21.40
C GLU A 791 43.53 -12.68 -21.20
N VAL A 792 42.25 -12.31 -21.09
CA VAL A 792 41.20 -13.29 -20.82
C VAL A 792 40.90 -14.06 -22.10
N LYS A 793 40.87 -15.38 -21.98
CA LYS A 793 40.49 -16.26 -23.08
C LYS A 793 39.05 -16.72 -22.87
N ILE A 794 38.22 -16.54 -23.89
CA ILE A 794 36.81 -16.90 -23.80
C ILE A 794 36.64 -18.36 -24.20
N GLN A 795 36.05 -19.15 -23.32
CA GLN A 795 35.81 -20.56 -23.61
C GLN A 795 34.79 -20.70 -24.74
N GLU A 796 35.07 -21.62 -25.66
CA GLU A 796 34.18 -21.85 -26.79
C GLU A 796 32.89 -22.53 -26.32
N PHE A 797 31.76 -22.04 -26.82
CA PHE A 797 30.48 -22.63 -26.46
C PHE A 797 30.31 -24.01 -27.08
N LYS A 798 29.62 -24.88 -26.36
CA LYS A 798 29.28 -26.21 -26.84
C LYS A 798 27.87 -26.57 -26.39
N PRO A 799 26.95 -26.83 -27.32
CA PRO A 799 25.59 -27.21 -26.94
C PRO A 799 25.58 -28.57 -26.25
N SER A 800 24.61 -28.74 -25.34
CA SER A 800 24.46 -29.98 -24.60
C SER A 800 22.99 -30.38 -24.59
N ASN A 801 22.75 -31.68 -24.41
CA ASN A 801 21.40 -32.23 -24.41
C ASN A 801 20.79 -32.04 -23.03
N LYS A 802 19.86 -31.10 -22.90
CA LYS A 802 19.17 -30.84 -21.64
C LYS A 802 17.68 -30.70 -21.90
N VAL A 803 16.88 -31.28 -21.01
CA VAL A 803 15.43 -31.19 -21.09
C VAL A 803 14.99 -29.82 -20.61
N VAL A 804 14.19 -29.13 -21.43
CA VAL A 804 13.68 -27.80 -21.10
C VAL A 804 12.18 -27.89 -20.98
N GLN A 805 11.66 -27.54 -19.81
CA GLN A 805 10.21 -27.52 -19.58
C GLN A 805 9.60 -26.33 -20.30
N THR A 806 8.52 -26.59 -21.05
CA THR A 806 7.84 -25.56 -21.82
C THR A 806 6.46 -25.24 -21.31
N ASP A 807 5.77 -26.20 -20.71
CA ASP A 807 4.42 -25.96 -20.24
C ASP A 807 4.41 -25.05 -19.01
N GLU A 808 3.38 -24.21 -18.92
CA GLU A 808 3.29 -23.27 -17.80
C GLU A 808 3.04 -24.00 -16.48
N THR A 809 2.42 -25.17 -16.53
CA THR A 809 2.14 -25.93 -15.32
C THR A 809 3.40 -26.51 -14.71
N ALA A 810 4.48 -26.62 -15.47
CA ALA A 810 5.71 -27.20 -14.96
C ALA A 810 6.30 -26.30 -13.87
N ARG A 811 7.02 -26.93 -12.94
CA ARG A 811 7.68 -26.22 -11.86
C ARG A 811 9.12 -26.72 -11.74
N LYS A 812 9.87 -26.07 -10.87
CA LYS A 812 11.28 -26.42 -10.70
C LYS A 812 11.39 -27.82 -10.12
N PRO A 813 12.06 -28.74 -10.79
CA PRO A 813 12.20 -30.10 -10.27
C PRO A 813 13.28 -30.17 -9.21
N ASP A 814 13.28 -31.29 -8.49
CA ASP A 814 14.27 -31.51 -7.43
C ASP A 814 15.65 -31.76 -8.05
N HIS A 815 16.62 -32.01 -7.18
CA HIS A 815 18.00 -32.24 -7.62
C HIS A 815 18.08 -33.53 -8.42
N VAL A 816 18.57 -33.44 -9.65
CA VAL A 816 18.81 -34.62 -10.47
C VAL A 816 20.06 -35.34 -9.96
N PRO A 817 20.03 -36.67 -9.78
CA PRO A 817 21.23 -37.37 -9.32
C PRO A 817 22.39 -37.18 -10.29
N ILE A 818 23.59 -37.11 -9.72
CA ILE A 818 24.80 -36.77 -10.46
C ILE A 818 25.51 -38.05 -10.88
N SER A 819 25.92 -38.13 -12.14
CA SER A 819 26.55 -39.32 -12.68
C SER A 819 27.95 -39.50 -12.07
N SER A 820 28.50 -40.69 -12.29
CA SER A 820 29.80 -41.02 -11.71
C SER A 820 30.92 -40.17 -12.31
N GLU A 821 30.81 -39.80 -13.58
CA GLU A 821 31.86 -38.99 -14.20
C GLU A 821 31.95 -37.61 -13.56
N ASP A 822 30.80 -36.98 -13.29
CA ASP A 822 30.82 -35.71 -12.60
C ASP A 822 31.37 -35.87 -11.18
N GLU A 823 31.06 -36.99 -10.53
CA GLU A 823 31.62 -37.26 -9.21
C GLU A 823 33.14 -37.36 -9.27
N ARG A 824 33.66 -38.05 -10.29
CA ARG A 824 35.11 -38.16 -10.44
C ARG A 824 35.74 -36.81 -10.73
N ASN A 825 35.06 -35.99 -11.54
CA ASN A 825 35.57 -34.64 -11.80
C ASN A 825 35.63 -33.82 -10.52
N ALA A 826 34.57 -33.91 -9.70
CA ALA A 826 34.57 -33.19 -8.44
C ALA A 826 35.67 -33.71 -7.51
N ILE A 827 35.88 -35.02 -7.49
CA ILE A 827 36.94 -35.59 -6.67
C ILE A 827 38.30 -35.06 -7.12
N PHE A 828 38.53 -35.03 -8.43
CA PHE A 828 39.79 -34.53 -8.96
C PHE A 828 39.98 -33.06 -8.61
N GLN A 829 38.92 -32.25 -8.74
CA GLN A 829 39.02 -30.84 -8.40
C GLN A 829 39.33 -30.65 -6.92
N LEU A 830 38.66 -31.41 -6.05
CA LEU A 830 38.91 -31.28 -4.62
C LEU A 830 40.33 -31.71 -4.27
N GLU A 831 40.81 -32.79 -4.89
CA GLU A 831 42.18 -33.23 -4.65
C GLU A 831 43.19 -32.19 -5.12
N LYS A 832 42.93 -31.58 -6.28
CA LYS A 832 43.81 -30.53 -6.76
C LYS A 832 43.82 -29.34 -5.81
N ALA A 833 42.66 -28.96 -5.31
CA ALA A 833 42.58 -27.85 -4.35
C ALA A 833 43.35 -28.17 -3.08
N ILE A 834 43.20 -29.40 -2.57
CA ILE A 834 43.92 -29.79 -1.37
C ILE A 834 45.43 -29.77 -1.61
N LEU A 835 45.86 -30.31 -2.74
CA LEU A 835 47.28 -30.35 -3.07
C LEU A 835 47.84 -28.96 -3.36
N SER A 836 46.99 -28.02 -3.75
CA SER A 836 47.42 -26.65 -4.01
C SER A 836 47.37 -25.77 -2.78
N ASN A 837 47.04 -26.34 -1.62
CA ASN A 837 46.97 -25.60 -0.36
C ASN A 837 46.00 -24.43 -0.47
N GLU A 838 44.87 -24.65 -1.15
CA GLU A 838 43.83 -23.65 -1.29
C GLU A 838 42.55 -24.05 -0.57
N ALA A 839 42.65 -24.91 0.42
CA ALA A 839 41.50 -25.35 1.21
C ALA A 839 41.63 -24.92 2.67
N THR A 840 42.30 -23.80 2.92
CA THR A 840 42.49 -23.31 4.27
C THR A 840 41.17 -22.77 4.82
N LYS A 841 41.20 -22.35 6.09
CA LYS A 841 40.00 -21.83 6.73
C LYS A 841 39.51 -20.57 6.04
N SER A 842 40.44 -19.70 5.63
CA SER A 842 40.06 -18.50 4.90
C SER A 842 39.39 -18.83 3.58
N ASP A 843 39.73 -19.98 3.00
CA ASP A 843 39.16 -20.36 1.71
C ASP A 843 37.77 -20.97 1.87
N LEU A 844 37.44 -21.49 3.05
CA LEU A 844 36.18 -22.16 3.27
C LEU A 844 35.09 -21.21 3.77
N GLN A 845 35.37 -19.91 3.85
CA GLN A 845 34.39 -18.94 4.31
C GLN A 845 34.26 -17.83 3.29
N MET A 846 33.04 -17.31 3.15
CA MET A 846 32.77 -16.20 2.25
C MET A 846 31.50 -15.50 2.72
N ALA A 847 31.54 -14.17 2.72
CA ALA A 847 30.45 -13.39 3.29
C ALA A 847 29.18 -13.54 2.46
N VAL A 848 28.04 -13.54 3.15
CA VAL A 848 26.73 -13.60 2.52
C VAL A 848 26.16 -12.20 2.44
N LEU A 849 25.78 -11.79 1.24
CA LEU A 849 25.21 -10.47 1.03
C LEU A 849 23.71 -10.50 1.27
N SER A 850 23.18 -9.37 1.71
CA SER A 850 21.76 -9.17 1.88
C SER A 850 21.28 -8.13 0.86
N PHE A 851 20.13 -8.40 0.26
CA PHE A 851 19.62 -7.52 -0.78
C PHE A 851 19.06 -6.23 -0.20
N GLU A 852 19.90 -5.20 -0.09
CA GLU A 852 19.49 -3.89 0.40
C GLU A 852 19.31 -2.97 -0.80
N LYS A 853 18.10 -2.44 -0.96
CA LYS A 853 17.78 -1.64 -2.14
C LYS A 853 17.96 -0.15 -1.91
N ASP A 854 17.70 0.34 -0.69
CA ASP A 854 17.76 1.78 -0.46
C ASP A 854 19.20 2.31 -0.49
N ASP A 855 20.17 1.46 -0.17
CA ASP A 855 21.57 1.88 -0.23
C ASP A 855 22.02 1.85 -1.69
N ASP A 856 22.21 3.02 -2.28
CA ASP A 856 22.53 3.11 -3.70
C ASP A 856 24.00 2.81 -4.00
N HIS A 857 24.86 2.82 -2.99
CA HIS A 857 26.29 2.66 -3.23
C HIS A 857 26.75 1.21 -3.18
N ASN A 858 25.91 0.28 -2.74
CA ASN A 858 26.33 -1.12 -2.70
C ASN A 858 26.33 -1.76 -4.07
N GLY A 859 25.61 -1.19 -5.03
CA GLY A 859 25.57 -1.72 -6.38
C GLY A 859 24.56 -2.83 -6.61
N HIS A 860 23.74 -3.15 -5.61
CA HIS A 860 22.75 -4.23 -5.79
C HIS A 860 21.75 -3.88 -6.88
N ILE A 861 21.13 -2.70 -6.76
CA ILE A 861 20.14 -2.29 -7.75
C ILE A 861 20.80 -2.06 -9.10
N ASP A 862 22.02 -1.55 -9.10
CA ASP A 862 22.74 -1.37 -10.37
C ASP A 862 22.96 -2.71 -11.07
N PHE A 863 23.40 -3.72 -10.31
CA PHE A 863 23.60 -5.04 -10.90
C PHE A 863 22.29 -5.63 -11.41
N ILE A 864 21.22 -5.51 -10.62
CA ILE A 864 19.94 -6.07 -11.03
C ILE A 864 19.46 -5.39 -12.30
N THR A 865 19.57 -4.06 -12.36
CA THR A 865 19.16 -3.33 -13.55
C THR A 865 19.99 -3.73 -14.76
N ALA A 866 21.30 -3.87 -14.59
CA ALA A 866 22.15 -4.26 -15.71
C ALA A 866 21.78 -5.63 -16.22
N ALA A 867 21.60 -6.60 -15.31
CA ALA A 867 21.24 -7.94 -15.73
C ALA A 867 19.88 -7.97 -16.41
N SER A 868 18.90 -7.26 -15.85
CA SER A 868 17.56 -7.26 -16.44
C SER A 868 17.57 -6.63 -17.82
N ASN A 869 18.27 -5.50 -18.00
CA ASN A 869 18.33 -4.88 -19.30
C ASN A 869 19.06 -5.75 -20.31
N LEU A 870 20.16 -6.39 -19.89
CA LEU A 870 20.89 -7.25 -20.81
C LEU A 870 20.05 -8.43 -21.24
N ARG A 871 19.32 -9.05 -20.31
CA ARG A 871 18.42 -10.12 -20.68
C ARG A 871 17.33 -9.60 -21.61
N ALA A 872 16.87 -8.37 -21.39
CA ALA A 872 15.86 -7.79 -22.26
C ALA A 872 16.36 -7.65 -23.69
N LYS A 873 17.60 -7.19 -23.86
CA LYS A 873 18.15 -7.09 -25.21
C LYS A 873 18.31 -8.47 -25.84
N MET A 874 18.53 -9.51 -25.02
CA MET A 874 18.62 -10.85 -25.56
C MET A 874 17.31 -11.29 -26.19
N TYR A 875 16.19 -10.94 -25.56
CA TYR A 875 14.88 -11.32 -26.06
C TYR A 875 14.16 -10.18 -26.77
N SER A 876 14.87 -9.12 -27.13
CA SER A 876 14.30 -7.99 -27.87
C SER A 876 13.12 -7.36 -27.12
N ILE A 877 13.23 -7.29 -25.80
CA ILE A 877 12.24 -6.66 -24.96
C ILE A 877 12.70 -5.25 -24.63
N GLU A 878 11.74 -4.35 -24.46
CA GLU A 878 12.08 -2.95 -24.19
C GLU A 878 12.76 -2.81 -22.83
N PRO A 879 13.94 -2.22 -22.76
CA PRO A 879 14.61 -2.05 -21.46
C PRO A 879 13.87 -1.07 -20.57
N ALA A 880 14.10 -1.21 -19.27
CA ALA A 880 13.52 -0.35 -18.26
C ALA A 880 14.62 0.38 -17.51
N ASP A 881 14.29 1.56 -16.98
CA ASP A 881 15.27 2.39 -16.32
C ASP A 881 15.54 1.88 -14.90
N ARG A 882 16.38 2.61 -14.17
CA ARG A 882 16.80 2.17 -12.85
C ARG A 882 15.64 2.17 -11.86
N PHE A 883 14.80 3.19 -11.91
CA PHE A 883 13.78 3.35 -10.87
C PHE A 883 12.67 2.31 -11.00
N LYS A 884 12.26 2.00 -12.24
CA LYS A 884 11.27 0.95 -12.43
C LYS A 884 11.82 -0.40 -11.95
N THR A 885 13.09 -0.67 -12.24
CA THR A 885 13.70 -1.90 -11.76
C THR A 885 13.75 -1.94 -10.24
N LYS A 886 14.08 -0.80 -9.62
CA LYS A 886 14.10 -0.74 -8.16
C LYS A 886 12.73 -1.00 -7.58
N ARG A 887 11.69 -0.45 -8.20
CA ARG A 887 10.33 -0.65 -7.72
C ARG A 887 9.91 -2.10 -7.85
N ILE A 888 10.10 -2.69 -9.03
CA ILE A 888 9.60 -4.04 -9.28
C ILE A 888 10.40 -5.06 -8.48
N ALA A 889 11.73 -4.97 -8.54
CA ALA A 889 12.57 -5.94 -7.84
C ALA A 889 12.40 -5.85 -6.34
N GLY A 890 12.36 -4.65 -5.79
CA GLY A 890 12.19 -4.48 -4.37
C GLY A 890 10.76 -4.53 -3.89
N LYS A 891 9.80 -4.63 -4.80
CA LYS A 891 8.38 -4.62 -4.46
C LYS A 891 8.02 -3.41 -3.62
N ILE A 892 8.58 -2.26 -4.00
CA ILE A 892 8.27 -1.01 -3.30
C ILE A 892 6.84 -0.62 -3.61
N ILE A 893 6.04 -0.40 -2.57
CA ILE A 893 4.65 0.02 -2.71
C ILE A 893 4.65 1.55 -2.78
N PRO A 894 4.22 2.13 -3.90
CA PRO A 894 4.17 3.60 -3.97
C PRO A 894 3.22 4.16 -2.93
N ALA A 895 3.59 5.30 -2.36
CA ALA A 895 2.78 5.92 -1.33
C ALA A 895 3.02 7.43 -1.33
N ILE A 896 1.98 8.18 -0.97
CA ILE A 896 2.03 9.63 -0.90
C ILE A 896 1.37 10.06 0.40
N ALA A 897 1.68 11.30 0.82
CA ALA A 897 1.23 11.76 2.12
C ALA A 897 -0.27 12.01 2.15
N THR A 898 -0.85 12.50 1.06
CA THR A 898 -2.25 12.92 1.08
C THR A 898 -3.19 11.74 1.32
N THR A 899 -2.96 10.63 0.62
CA THR A 899 -3.80 9.45 0.83
C THR A 899 -3.68 8.95 2.25
N THR A 900 -2.46 8.96 2.80
CA THR A 900 -2.25 8.54 4.17
C THR A 900 -3.05 9.40 5.14
N ALA A 901 -2.99 10.72 4.96
CA ALA A 901 -3.75 11.60 5.84
C ALA A 901 -5.24 11.35 5.73
N THR A 902 -5.75 11.17 4.51
CA THR A 902 -7.18 10.96 4.33
C THR A 902 -7.64 9.67 5.00
N VAL A 903 -6.93 8.58 4.77
CA VAL A 903 -7.33 7.32 5.38
C VAL A 903 -7.19 7.38 6.89
N SER A 904 -6.18 8.10 7.39
CA SER A 904 -6.05 8.25 8.84
C SER A 904 -7.25 8.99 9.43
N GLY A 905 -7.68 10.06 8.76
CA GLY A 905 -8.85 10.77 9.25
C GLY A 905 -10.10 9.91 9.26
N LEU A 906 -10.31 9.15 8.19
CA LEU A 906 -11.49 8.29 8.14
C LEU A 906 -11.42 7.21 9.21
N VAL A 907 -10.23 6.65 9.45
CA VAL A 907 -10.07 5.64 10.50
C VAL A 907 -10.33 6.26 11.87
N ALA A 908 -9.91 7.50 12.08
CA ALA A 908 -10.20 8.16 13.35
C ALA A 908 -11.69 8.35 13.54
N LEU A 909 -12.41 8.72 12.48
CA LEU A 909 -13.87 8.82 12.59
C LEU A 909 -14.48 7.48 12.95
N GLU A 910 -14.01 6.41 12.31
CA GLU A 910 -14.55 5.09 12.65
C GLU A 910 -14.19 4.68 14.07
N MET A 911 -13.02 5.09 14.56
CA MET A 911 -12.65 4.82 15.94
C MET A 911 -13.59 5.54 16.89
N ILE A 912 -13.97 6.78 16.56
CA ILE A 912 -14.94 7.48 17.40
C ILE A 912 -16.25 6.72 17.44
N LYS A 913 -16.70 6.26 16.27
CA LYS A 913 -17.95 5.50 16.21
C LYS A 913 -17.86 4.23 17.04
N VAL A 914 -16.74 3.51 16.95
CA VAL A 914 -16.56 2.27 17.71
C VAL A 914 -16.58 2.56 19.21
N THR A 915 -15.87 3.61 19.63
CA THR A 915 -15.83 3.96 21.05
C THR A 915 -17.22 4.30 21.56
N GLY A 916 -18.01 4.99 20.75
CA GLY A 916 -19.36 5.32 21.16
C GLY A 916 -20.28 4.12 21.32
N GLY A 917 -19.88 2.96 20.83
CA GLY A 917 -20.74 1.79 20.88
C GLY A 917 -22.00 1.93 20.05
N TYR A 918 -21.88 2.50 18.86
CA TYR A 918 -23.04 2.76 18.04
C TYR A 918 -23.54 1.48 17.40
N PRO A 919 -24.81 1.45 16.97
CA PRO A 919 -25.35 0.25 16.31
C PRO A 919 -24.70 -0.03 14.96
N PHE A 920 -25.14 -1.10 14.31
CA PHE A 920 -24.46 -1.58 13.11
C PHE A 920 -24.49 -0.56 11.97
N GLU A 921 -25.62 0.12 11.80
CA GLU A 921 -25.80 0.98 10.63
C GLU A 921 -24.82 2.14 10.61
N ALA A 922 -24.33 2.57 11.77
CA ALA A 922 -23.47 3.74 11.82
C ALA A 922 -22.13 3.49 11.13
N TYR A 923 -21.56 2.31 11.31
CA TYR A 923 -20.23 2.03 10.76
C TYR A 923 -20.26 2.01 9.24
N LYS A 924 -19.20 2.55 8.63
CA LYS A 924 -19.09 2.61 7.18
C LYS A 924 -17.68 2.21 6.77
N ASN A 925 -17.56 1.16 5.96
CA ASN A 925 -16.30 0.87 5.29
C ASN A 925 -16.11 1.87 4.16
N CYS A 926 -14.86 2.22 3.89
CA CYS A 926 -14.54 3.21 2.87
C CYS A 926 -13.54 2.66 1.87
N PHE A 927 -13.79 2.94 0.59
CA PHE A 927 -12.80 2.73 -0.45
C PHE A 927 -12.69 4.01 -1.26
N LEU A 928 -11.47 4.51 -1.41
CA LEU A 928 -11.24 5.77 -2.10
C LEU A 928 -10.10 5.60 -3.09
N ASN A 929 -10.18 6.36 -4.17
CA ASN A 929 -9.13 6.39 -5.20
C ASN A 929 -9.06 7.83 -5.71
N LEU A 930 -8.12 8.61 -5.16
CA LEU A 930 -8.05 10.03 -5.47
C LEU A 930 -7.68 10.30 -6.92
N ALA A 931 -7.20 9.31 -7.66
CA ALA A 931 -6.83 9.55 -9.03
C ALA A 931 -8.04 9.81 -9.92
N ILE A 932 -9.20 9.29 -9.55
CA ILE A 932 -10.38 9.36 -10.41
C ILE A 932 -10.96 10.78 -10.44
N PRO A 933 -11.24 11.43 -9.28
CA PRO A 933 -11.22 10.96 -7.88
C PRO A 933 -12.52 10.28 -7.55
N ILE A 934 -12.55 9.37 -6.57
CA ILE A 934 -13.79 8.72 -6.18
C ILE A 934 -13.67 8.31 -4.72
N VAL A 935 -14.75 8.50 -3.97
CA VAL A 935 -14.84 8.08 -2.58
C VAL A 935 -16.16 7.35 -2.40
N VAL A 936 -16.10 6.11 -1.94
CA VAL A 936 -17.28 5.26 -1.82
C VAL A 936 -17.41 4.83 -0.37
N PHE A 937 -18.52 5.21 0.26
CA PHE A 937 -18.86 4.74 1.59
C PHE A 937 -19.92 3.66 1.47
N THR A 938 -19.69 2.53 2.14
CA THR A 938 -20.60 1.41 2.09
C THR A 938 -20.75 0.82 3.49
N GLU A 939 -21.89 0.18 3.73
CA GLU A 939 -22.11 -0.49 4.99
C GLU A 939 -21.11 -1.64 5.15
N THR A 940 -20.63 -1.82 6.38
CA THR A 940 -19.69 -2.89 6.65
C THR A 940 -20.38 -4.25 6.51
N THR A 941 -19.60 -5.25 6.13
CA THR A 941 -20.15 -6.58 5.84
C THR A 941 -20.82 -7.16 7.08
N GLU A 942 -22.12 -7.44 6.97
CA GLU A 942 -22.86 -7.99 8.10
C GLU A 942 -22.37 -9.39 8.44
N VAL A 943 -22.38 -9.71 9.73
CA VAL A 943 -21.96 -11.04 10.17
C VAL A 943 -22.93 -12.08 9.64
N ARG A 944 -22.39 -13.21 9.19
CA ARG A 944 -23.17 -14.29 8.59
C ARG A 944 -23.34 -15.41 9.60
N LYS A 945 -24.58 -15.84 9.80
CA LYS A 945 -24.87 -16.96 10.68
C LYS A 945 -24.80 -18.25 9.88
N THR A 946 -24.12 -19.26 10.43
CA THR A 946 -23.97 -20.55 9.80
C THR A 946 -24.71 -21.59 10.63
N LYS A 947 -25.64 -22.30 9.99
CA LYS A 947 -26.43 -23.33 10.66
C LYS A 947 -25.83 -24.70 10.39
N ILE A 948 -25.94 -25.59 11.37
CA ILE A 948 -25.40 -26.95 11.28
C ILE A 948 -26.50 -27.99 11.28
N ARG A 949 -27.30 -28.04 12.34
CA ARG A 949 -28.33 -29.05 12.48
C ARG A 949 -29.37 -28.57 13.49
N ASN A 950 -30.64 -28.92 13.24
CA ASN A 950 -31.73 -28.62 14.16
C ASN A 950 -31.87 -27.14 14.44
N GLY A 951 -31.55 -26.30 13.47
CA GLY A 951 -31.65 -24.87 13.61
C GLY A 951 -30.53 -24.23 14.41
N ILE A 952 -29.54 -25.01 14.84
CA ILE A 952 -28.44 -24.44 15.63
C ILE A 952 -27.53 -23.64 14.71
N SER A 953 -27.30 -22.40 15.07
CA SER A 953 -26.51 -21.48 14.26
C SER A 953 -25.43 -20.84 15.12
N PHE A 954 -24.34 -20.44 14.46
CA PHE A 954 -23.23 -19.83 15.16
C PHE A 954 -22.55 -18.83 14.23
N THR A 955 -21.89 -17.85 14.83
CA THR A 955 -21.12 -16.86 14.10
C THR A 955 -19.63 -17.12 14.28
N ILE A 956 -18.82 -16.37 13.54
CA ILE A 956 -17.38 -16.50 13.70
C ILE A 956 -16.94 -16.06 15.07
N TRP A 957 -17.69 -15.15 15.70
CA TRP A 957 -17.31 -14.65 17.02
C TRP A 957 -17.63 -15.62 18.14
N ASP A 958 -18.51 -16.60 17.90
CA ASP A 958 -18.90 -17.52 18.96
C ASP A 958 -17.76 -18.46 19.33
N ARG A 959 -17.63 -18.74 20.62
CA ARG A 959 -16.72 -19.75 21.10
C ARG A 959 -17.41 -20.53 22.22
N TRP A 960 -17.31 -21.86 22.14
CA TRP A 960 -17.99 -22.74 23.08
C TRP A 960 -17.03 -23.18 24.17
N THR A 961 -17.55 -23.39 25.38
CA THR A 961 -16.75 -23.76 26.53
C THR A 961 -17.25 -25.08 27.10
N VAL A 962 -16.31 -25.95 27.45
CA VAL A 962 -16.59 -27.24 28.09
C VAL A 962 -15.67 -27.37 29.29
N HIS A 963 -16.18 -27.97 30.37
CA HIS A 963 -15.40 -28.21 31.57
C HIS A 963 -15.44 -29.69 31.90
N GLY A 964 -14.33 -30.20 32.42
CA GLY A 964 -14.20 -31.62 32.75
C GLY A 964 -13.30 -31.82 33.95
N LYS A 965 -12.68 -33.00 34.01
CA LYS A 965 -11.82 -33.39 35.11
C LYS A 965 -10.77 -34.36 34.60
N GLU A 966 -10.01 -34.96 35.51
CA GLU A 966 -8.93 -35.85 35.11
C GLU A 966 -9.45 -37.12 34.45
N ASP A 967 -10.44 -37.77 35.08
CA ASP A 967 -11.03 -38.97 34.53
C ASP A 967 -12.13 -38.69 33.52
N PHE A 968 -12.33 -37.42 33.16
CA PHE A 968 -13.31 -37.06 32.16
C PHE A 968 -12.91 -37.66 30.81
N THR A 969 -13.81 -38.43 30.22
CA THR A 969 -13.52 -39.18 29.01
C THR A 969 -14.07 -38.47 27.78
N LEU A 970 -13.66 -38.97 26.61
CA LEU A 970 -14.12 -38.40 25.35
C LEU A 970 -15.63 -38.59 25.18
N LEU A 971 -16.15 -39.74 25.62
CA LEU A 971 -17.60 -39.95 25.59
C LEU A 971 -18.31 -38.93 26.47
N ASP A 972 -17.75 -38.64 27.65
CA ASP A 972 -18.31 -37.59 28.49
C ASP A 972 -18.25 -36.24 27.79
N PHE A 973 -17.18 -35.98 27.05
CA PHE A 973 -17.07 -34.74 26.30
C PHE A 973 -18.17 -34.64 25.25
N ILE A 974 -18.41 -35.73 24.52
CA ILE A 974 -19.46 -35.75 23.50
C ILE A 974 -20.82 -35.53 24.13
N ASN A 975 -21.09 -36.21 25.25
CA ASN A 975 -22.37 -36.03 25.93
C ASN A 975 -22.54 -34.60 26.43
N ALA A 976 -21.47 -34.02 26.97
CA ALA A 976 -21.55 -32.64 27.44
C ALA A 976 -21.82 -31.67 26.30
N VAL A 977 -21.17 -31.89 25.15
CA VAL A 977 -21.42 -31.00 24.01
C VAL A 977 -22.85 -31.14 23.52
N LYS A 978 -23.33 -32.37 23.38
CA LYS A 978 -24.69 -32.60 22.93
C LYS A 978 -25.73 -32.12 23.95
N GLU A 979 -25.31 -31.96 25.21
CA GLU A 979 -26.22 -31.41 26.22
C GLU A 979 -26.23 -29.90 26.19
N LYS A 980 -25.05 -29.28 26.11
CA LYS A 980 -24.97 -27.83 26.18
C LYS A 980 -25.45 -27.16 24.89
N TYR A 981 -25.18 -27.79 23.75
CA TYR A 981 -25.52 -27.19 22.47
C TYR A 981 -26.44 -28.04 21.62
N GLY A 982 -26.81 -29.22 22.07
CA GLY A 982 -27.78 -30.03 21.35
C GLY A 982 -27.26 -30.71 20.11
N ILE A 983 -25.95 -30.72 19.88
CA ILE A 983 -25.37 -31.33 18.69
C ILE A 983 -24.29 -32.31 19.11
N GLU A 984 -24.32 -33.50 18.52
CA GLU A 984 -23.36 -34.54 18.85
C GLU A 984 -22.10 -34.39 18.00
N PRO A 985 -20.93 -34.21 18.60
CA PRO A 985 -19.70 -34.13 17.81
C PRO A 985 -19.41 -35.43 17.08
N THR A 986 -18.79 -35.30 15.91
CA THR A 986 -18.36 -36.45 15.13
C THR A 986 -16.94 -36.29 14.59
N MET A 987 -16.24 -35.23 14.98
CA MET A 987 -14.92 -34.94 14.43
C MET A 987 -14.19 -34.03 15.42
N VAL A 988 -13.08 -34.51 15.97
CA VAL A 988 -12.29 -33.76 16.95
C VAL A 988 -10.92 -33.52 16.35
N VAL A 989 -10.52 -32.26 16.29
CA VAL A 989 -9.24 -31.86 15.71
C VAL A 989 -8.57 -30.86 16.66
N GLN A 990 -7.26 -31.00 16.85
CA GLN A 990 -6.46 -29.99 17.54
C GLN A 990 -5.24 -29.71 16.67
N GLY A 991 -5.37 -28.74 15.78
CA GLY A 991 -4.28 -28.45 14.84
C GLY A 991 -4.05 -29.65 13.95
N VAL A 992 -2.79 -30.09 13.89
CA VAL A 992 -2.44 -31.26 13.08
C VAL A 992 -2.79 -32.57 13.74
N LYS A 993 -3.15 -32.56 15.02
CA LYS A 993 -3.41 -33.81 15.74
C LYS A 993 -4.74 -34.42 15.28
N MET A 994 -4.70 -35.70 14.98
CA MET A 994 -5.89 -36.46 14.57
C MET A 994 -6.44 -37.16 15.80
N LEU A 995 -7.58 -36.69 16.29
CA LEU A 995 -8.05 -37.06 17.63
C LEU A 995 -9.09 -38.16 17.62
N TYR A 996 -10.20 -37.97 16.90
CA TYR A 996 -11.26 -38.98 16.92
C TYR A 996 -12.14 -38.87 15.68
N VAL A 997 -12.27 -39.98 14.95
CA VAL A 997 -13.31 -40.15 13.93
C VAL A 997 -13.95 -41.52 14.14
N PRO A 998 -15.28 -41.59 14.21
CA PRO A 998 -15.93 -42.91 14.39
C PRO A 998 -15.75 -43.84 13.21
N VAL A 999 -15.41 -43.35 12.02
CA VAL A 999 -15.37 -44.21 10.84
C VAL A 999 -14.05 -44.95 10.68
N MET A 1000 -12.99 -44.52 11.37
CA MET A 1000 -11.72 -45.21 11.25
C MET A 1000 -11.79 -46.57 11.94
N PRO A 1001 -11.23 -47.61 11.32
CA PRO A 1001 -11.45 -48.99 11.84
C PRO A 1001 -10.93 -49.21 13.25
N GLY A 1002 -9.81 -48.59 13.63
CA GLY A 1002 -9.15 -48.96 14.86
C GLY A 1002 -9.23 -47.98 16.01
N HIS A 1003 -9.82 -46.81 15.78
CA HIS A 1003 -9.89 -45.77 16.79
C HIS A 1003 -11.28 -45.62 17.39
N ALA A 1004 -12.17 -46.59 17.18
CA ALA A 1004 -13.48 -46.56 17.82
C ALA A 1004 -13.38 -46.70 19.33
N LYS A 1005 -12.28 -47.27 19.83
CA LYS A 1005 -12.07 -47.42 21.27
C LYS A 1005 -11.72 -46.12 21.97
N ARG A 1006 -11.44 -45.06 21.22
CA ARG A 1006 -10.97 -43.81 21.82
C ARG A 1006 -12.03 -43.10 22.64
N LEU A 1007 -13.29 -43.55 22.57
CA LEU A 1007 -14.34 -42.92 23.36
C LEU A 1007 -14.08 -43.05 24.85
N LYS A 1008 -13.42 -44.13 25.28
CA LYS A 1008 -13.12 -44.31 26.69
C LYS A 1008 -11.90 -43.53 27.15
N LEU A 1009 -11.09 -43.06 26.21
CA LEU A 1009 -9.86 -42.34 26.59
C LEU A 1009 -10.20 -40.99 27.20
N THR A 1010 -9.48 -40.63 28.25
CA THR A 1010 -9.63 -39.33 28.86
C THR A 1010 -8.99 -38.27 27.97
N MET A 1011 -9.32 -37.01 28.25
CA MET A 1011 -8.79 -35.93 27.44
C MET A 1011 -7.28 -35.80 27.60
N HIS A 1012 -6.80 -35.92 28.85
CA HIS A 1012 -5.39 -35.72 29.12
C HIS A 1012 -4.51 -36.75 28.42
N LYS A 1013 -5.07 -37.90 28.07
CA LYS A 1013 -4.36 -38.91 27.29
C LYS A 1013 -4.71 -38.85 25.82
N LEU A 1014 -5.92 -38.40 25.48
CA LEU A 1014 -6.32 -38.33 24.07
C LEU A 1014 -5.55 -37.25 23.34
N VAL A 1015 -5.39 -36.08 23.96
CA VAL A 1015 -4.70 -34.97 23.32
C VAL A 1015 -3.31 -34.74 23.91
N LYS A 1016 -3.06 -35.20 25.14
CA LYS A 1016 -1.79 -35.00 25.83
C LYS A 1016 -1.44 -33.52 25.85
N PRO A 1017 -2.21 -32.70 26.57
CA PRO A 1017 -2.02 -31.25 26.48
C PRO A 1017 -0.86 -30.76 27.34
N THR A 1018 -0.36 -29.58 26.98
CA THR A 1018 0.65 -28.93 27.78
C THR A 1018 0.04 -28.39 29.06
N THR A 1019 0.80 -28.43 30.15
CA THR A 1019 0.34 -27.98 31.45
C THR A 1019 0.43 -26.47 31.63
N GLU A 1020 0.75 -25.73 30.56
CA GLU A 1020 0.90 -24.28 30.67
C GLU A 1020 -0.44 -23.60 30.94
N LYS A 1021 -1.54 -24.14 30.43
CA LYS A 1021 -2.84 -23.51 30.55
C LYS A 1021 -3.85 -24.50 31.11
N LYS A 1022 -4.91 -23.96 31.71
CA LYS A 1022 -5.98 -24.79 32.26
C LYS A 1022 -6.99 -25.23 31.21
N TYR A 1023 -6.87 -24.74 29.99
CA TYR A 1023 -7.82 -25.08 28.94
C TYR A 1023 -7.08 -25.33 27.63
N VAL A 1024 -7.78 -25.99 26.71
CA VAL A 1024 -7.25 -26.31 25.39
C VAL A 1024 -8.32 -26.03 24.35
N ASP A 1025 -7.91 -25.45 23.22
CA ASP A 1025 -8.84 -25.14 22.14
C ASP A 1025 -8.89 -26.27 21.14
N LEU A 1026 -10.10 -26.61 20.69
CA LEU A 1026 -10.34 -27.73 19.79
C LEU A 1026 -11.23 -27.28 18.64
N THR A 1027 -11.09 -27.97 17.51
CA THR A 1027 -11.93 -27.77 16.34
C THR A 1027 -12.84 -28.99 16.21
N VAL A 1028 -14.15 -28.76 16.16
CA VAL A 1028 -15.15 -29.81 16.20
C VAL A 1028 -16.03 -29.69 14.96
N SER A 1029 -16.30 -30.82 14.32
CA SER A 1029 -17.22 -30.87 13.18
C SER A 1029 -18.28 -31.92 13.44
N PHE A 1030 -19.42 -31.76 12.77
CA PHE A 1030 -20.56 -32.64 12.95
C PHE A 1030 -21.00 -33.21 11.62
N ALA A 1031 -21.50 -34.44 11.65
CA ALA A 1031 -21.86 -35.13 10.42
C ALA A 1031 -22.99 -34.38 9.70
N PRO A 1032 -22.90 -34.22 8.39
CA PRO A 1032 -23.98 -33.52 7.67
C PRO A 1032 -25.23 -34.38 7.56
N ASP A 1033 -26.34 -33.72 7.22
CA ASP A 1033 -27.59 -34.43 7.00
C ASP A 1033 -27.54 -35.34 5.78
N ILE A 1034 -26.62 -35.09 4.85
CA ILE A 1034 -26.46 -35.90 3.65
C ILE A 1034 -25.14 -36.64 3.74
N ASP A 1035 -25.20 -37.96 3.59
CA ASP A 1035 -23.99 -38.77 3.67
C ASP A 1035 -23.10 -38.52 2.46
N GLY A 1036 -21.81 -38.81 2.64
CA GLY A 1036 -20.82 -38.60 1.60
C GLY A 1036 -20.17 -37.23 1.63
N ASP A 1037 -20.75 -36.27 2.34
CA ASP A 1037 -20.15 -34.95 2.48
C ASP A 1037 -19.32 -34.89 3.75
N GLU A 1038 -18.30 -34.03 3.72
CA GLU A 1038 -17.44 -33.85 4.88
C GLU A 1038 -18.24 -33.26 6.04
N ASP A 1039 -17.84 -33.62 7.25
CA ASP A 1039 -18.52 -33.11 8.44
C ASP A 1039 -18.47 -31.59 8.47
N LEU A 1040 -19.62 -30.98 8.75
CA LEU A 1040 -19.73 -29.54 8.76
C LEU A 1040 -18.91 -28.97 9.92
N PRO A 1041 -17.93 -28.11 9.67
CA PRO A 1041 -17.17 -27.52 10.78
C PRO A 1041 -18.05 -26.64 11.64
N GLY A 1042 -17.73 -26.62 12.93
CA GLY A 1042 -18.47 -25.83 13.89
C GLY A 1042 -17.62 -24.75 14.52
N PRO A 1043 -18.19 -24.03 15.48
CA PRO A 1043 -17.42 -23.00 16.17
C PRO A 1043 -16.32 -23.62 17.00
N PRO A 1044 -15.21 -22.91 17.22
CA PRO A 1044 -14.15 -23.46 18.07
C PRO A 1044 -14.64 -23.71 19.48
N VAL A 1045 -14.14 -24.79 20.08
CA VAL A 1045 -14.58 -25.24 21.40
C VAL A 1045 -13.38 -25.26 22.33
N ARG A 1046 -13.53 -24.63 23.49
CA ARG A 1046 -12.47 -24.54 24.49
C ARG A 1046 -12.82 -25.44 25.66
N TYR A 1047 -11.99 -26.44 25.92
CA TYR A 1047 -12.21 -27.42 26.97
C TYR A 1047 -11.29 -27.13 28.15
N TYR A 1048 -11.86 -27.07 29.35
CA TYR A 1048 -11.12 -26.82 30.56
C TYR A 1048 -10.87 -28.13 31.29
N PHE A 1049 -9.63 -28.32 31.74
CA PHE A 1049 -9.26 -29.55 32.43
C PHE A 1049 -9.92 -29.66 33.79
N SER A 1050 -10.37 -28.55 34.37
CA SER A 1050 -11.01 -28.57 35.68
C SER A 1050 -12.38 -27.89 35.62
C1 IHP B . 22.28 -22.04 -12.61
C2 IHP B . 23.80 -22.12 -12.63
C3 IHP B . 24.24 -23.32 -13.46
C4 IHP B . 23.68 -23.28 -14.88
C5 IHP B . 22.16 -23.14 -14.87
C6 IHP B . 21.71 -21.92 -14.03
O11 IHP B . 21.84 -20.97 -11.85
P1 IHP B . 21.07 -21.25 -10.41
O21 IHP B . 22.01 -22.05 -9.52
O31 IHP B . 20.78 -19.83 -9.91
O41 IHP B . 19.79 -22.03 -10.75
O12 IHP B . 24.34 -20.95 -13.20
P2 IHP B . 25.35 -19.90 -12.39
O22 IHP B . 26.31 -20.74 -11.54
O32 IHP B . 26.03 -19.20 -13.57
O42 IHP B . 24.48 -18.96 -11.57
O13 IHP B . 25.63 -23.39 -13.51
P3 IHP B . 26.44 -24.34 -12.41
O23 IHP B . 26.80 -23.48 -11.19
O33 IHP B . 25.50 -25.49 -12.02
O43 IHP B . 27.65 -24.80 -13.23
O14 IHP B . 24.03 -24.45 -15.56
P4 IHP B . 25.05 -24.39 -16.88
O24 IHP B . 26.26 -23.57 -16.45
O34 IHP B . 25.35 -25.88 -17.10
O44 IHP B . 24.28 -23.74 -18.03
O15 IHP B . 21.68 -23.02 -16.16
P5 IHP B . 20.80 -24.23 -16.90
O25 IHP B . 19.75 -24.70 -15.90
O35 IHP B . 20.25 -23.51 -18.12
O45 IHP B . 21.78 -25.35 -17.25
O16 IHP B . 20.32 -21.85 -13.95
P6 IHP B . 19.50 -20.43 -14.21
O26 IHP B . 18.35 -20.69 -15.18
O36 IHP B . 19.05 -20.13 -12.78
O46 IHP B . 20.53 -19.42 -14.74
PG ATP C . 8.30 1.19 2.83
O1G ATP C . 9.46 1.75 2.09
O2G ATP C . 7.04 2.04 2.69
O3G ATP C . 7.96 -0.25 2.46
PB ATP C . 7.81 1.15 5.76
O1B ATP C . 7.93 -0.15 6.44
O2B ATP C . 8.29 2.38 6.53
O3B ATP C . 8.59 1.15 4.38
PA ATP C . 4.97 1.90 5.99
O1A ATP C . 3.78 1.33 5.32
O2A ATP C . 5.00 3.42 6.06
O3A ATP C . 6.32 1.44 5.29
O5' ATP C . 5.11 1.32 7.45
C5' ATP C . 4.80 -0.05 7.75
C4' ATP C . 5.22 -0.37 9.16
O4' ATP C . 4.62 -1.60 9.57
C3' ATP C . 6.72 -0.52 9.37
O3' ATP C . 7.25 0.55 10.13
C2' ATP C . 6.87 -1.87 10.11
O2' ATP C . 7.74 -1.74 11.23
C1' ATP C . 5.45 -2.15 10.56
N9 ATP C . 5.13 -3.57 10.68
C8 ATP C . 4.97 -4.47 9.66
N7 ATP C . 4.68 -5.68 10.06
C5 ATP C . 4.66 -5.58 11.44
C6 ATP C . 4.40 -6.51 12.47
N6 ATP C . 4.13 -7.80 12.24
N1 ATP C . 4.46 -6.08 13.74
C2 ATP C . 4.73 -4.79 13.98
N3 ATP C . 4.98 -3.82 13.10
C4 ATP C . 4.93 -4.28 11.85
#